data_8PL2
#
_entry.id   8PL2
#
_cell.length_a   62.490
_cell.length_b   103.410
_cell.length_c   132.210
_cell.angle_alpha   90.000
_cell.angle_beta   92.620
_cell.angle_gamma   90.000
#
_symmetry.space_group_name_H-M   'P 1 21 1'
#
loop_
_entity.id
_entity.type
_entity.pdbx_description
1 polymer 'Thioredoxin glutathione reductase'
2 non-polymer 'FLAVIN-ADENINE DINUCLEOTIDE'
3 non-polymer ~{N}-(1-propyl-1,2,3,4-tetrazol-5-yl)thiophene-2-carboxamide
4 water water
#
_entity_poly.entity_id   1
_entity_poly.type   'polypeptide(L)'
_entity_poly.pdbx_seq_one_letter_code
;GPPPADGTSQWLRKTVDSAAVILFSKTTCPYCKKVKDVLAEAKIKHATIELDQLSNGSAIQKCLASFSKIETVPQMFVRG
KFIGDSQTVLKYYSNDELAGIVNESKYDYDLIVIGGGSGGLAAGKEAAKYGAKTAVLDYVEPTPIGTTWGLGGTCVNVGC
IPKKLMHQAGLLSHALEDAEHFGWSLDRSKISHNWSTMVEGVQSHIGSLNWGYKVALRDNQVTYLNAKGRLISPHEVQIT
DKNQKVSTITGNKIILATGERPKYPEIPGAVEYGITSDDLFSLPYFPGKTLVIGASYVALECAGFLASLGGDVTVMVRSI
LLRGFDQQMAEKVGDYMENHGVKFAKLCVPDEIKQLKVVDTENNKPGLLLVKGHYTDGKKFEEEFETVIFAVGREPQLSK
VLCETVGVKLDKNGRVVCTDDEQTTVSNVYAIGDINAGKPQLTPVAIQAGRYLARRLFAGATELTDYSNVATTVFTPLEY
GACGLSEEDAIEKYGDKDIEVYHSNFKPLEWTVAHREDNVCYMKLVCRKSDNMRVLGLHVLGPNAGEITQGYAVAIKMGA
TKADFDRTIGIHPTCSETFTTLHVTKKSGVSPIVSGC
;
_entity_poly.pdbx_strand_id   A,B
#
# COMPACT_ATOMS: atom_id res chain seq x y z
N GLY A 7 -26.23 31.06 13.02
CA GLY A 7 -25.30 29.97 12.78
C GLY A 7 -25.60 28.74 13.63
N THR A 8 -25.35 28.87 14.93
CA THR A 8 -25.72 27.83 15.87
C THR A 8 -27.24 27.66 15.93
N SER A 9 -27.99 28.77 15.88
CA SER A 9 -29.44 28.67 16.00
C SER A 9 -30.07 28.06 14.75
N GLN A 10 -29.49 28.30 13.57
CA GLN A 10 -30.00 27.61 12.38
C GLN A 10 -29.70 26.12 12.44
N TRP A 11 -28.51 25.76 12.91
CA TRP A 11 -28.17 24.35 13.07
C TRP A 11 -29.14 23.64 14.04
N LEU A 12 -29.44 24.26 15.19
CA LEU A 12 -30.28 23.59 16.17
C LEU A 12 -31.70 23.37 15.66
N ARG A 13 -32.27 24.36 14.96
CA ARG A 13 -33.60 24.18 14.40
C ARG A 13 -33.63 23.06 13.37
N LYS A 14 -32.64 23.02 12.48
CA LYS A 14 -32.58 21.95 11.48
C LYS A 14 -32.43 20.58 12.16
N THR A 15 -31.59 20.50 13.19
CA THR A 15 -31.37 19.25 13.90
C THR A 15 -32.65 18.78 14.60
N VAL A 16 -33.30 19.68 15.34
CA VAL A 16 -34.53 19.31 16.05
C VAL A 16 -35.61 18.86 15.08
N ASP A 17 -35.80 19.59 13.97
CA ASP A 17 -36.89 19.28 13.05
C ASP A 17 -36.73 17.91 12.39
N SER A 18 -35.50 17.48 12.09
CA SER A 18 -35.33 16.24 11.31
C SER A 18 -34.99 15.01 12.12
N ALA A 19 -34.47 15.13 13.36
CA ALA A 19 -34.14 13.93 14.11
C ALA A 19 -35.40 13.14 14.50
N ALA A 20 -35.28 11.81 14.54
CA ALA A 20 -36.40 10.97 14.96
C ALA A 20 -36.55 10.96 16.48
N VAL A 21 -35.46 10.63 17.18
CA VAL A 21 -35.40 10.65 18.65
C VAL A 21 -34.02 11.17 19.02
N ILE A 22 -33.95 12.21 19.86
CA ILE A 22 -32.65 12.82 20.15
C ILE A 22 -32.63 13.34 21.59
N LEU A 23 -31.49 13.14 22.25
CA LEU A 23 -31.30 13.54 23.64
C LEU A 23 -30.17 14.57 23.70
N PHE A 24 -30.47 15.73 24.29
CA PHE A 24 -29.45 16.73 24.56
C PHE A 24 -28.97 16.52 25.99
N SER A 25 -27.65 16.40 26.16
CA SER A 25 -27.09 15.76 27.34
C SER A 25 -25.77 16.42 27.73
N LYS A 26 -25.24 16.00 28.89
CA LYS A 26 -23.86 16.26 29.29
C LYS A 26 -23.26 14.99 29.88
N THR A 27 -21.96 14.76 29.58
CA THR A 27 -21.31 13.51 29.95
C THR A 27 -21.26 13.29 31.46
N THR A 28 -21.34 14.37 32.25
CA THR A 28 -21.16 14.28 33.69
C THR A 28 -22.48 14.25 34.47
N CYS A 29 -23.60 14.48 33.81
CA CYS A 29 -24.86 14.66 34.52
C CYS A 29 -25.48 13.33 34.88
N PRO A 30 -25.77 13.07 36.17
CA PRO A 30 -26.42 11.80 36.52
C PRO A 30 -27.88 11.76 36.11
N TYR A 31 -28.52 12.92 35.91
CA TYR A 31 -29.88 12.92 35.39
C TYR A 31 -29.90 12.48 33.92
N CYS A 32 -28.99 13.02 33.10
CA CYS A 32 -28.85 12.52 31.75
C CYS A 32 -28.54 11.02 31.75
N LYS A 33 -27.64 10.58 32.64
CA LYS A 33 -27.34 9.16 32.73
C LYS A 33 -28.59 8.33 33.01
N LYS A 34 -29.45 8.82 33.92
CA LYS A 34 -30.65 8.06 34.23
C LYS A 34 -31.58 7.94 33.03
N VAL A 35 -31.71 9.02 32.24
CA VAL A 35 -32.59 8.94 31.07
C VAL A 35 -32.00 7.99 30.02
N LYS A 36 -30.68 8.04 29.83
CA LYS A 36 -30.04 7.10 28.90
C LYS A 36 -30.31 5.65 29.29
N ASP A 37 -30.21 5.34 30.58
CA ASP A 37 -30.45 3.98 31.05
C ASP A 37 -31.90 3.55 30.80
N VAL A 38 -32.86 4.45 31.00
CA VAL A 38 -34.26 4.12 30.72
C VAL A 38 -34.45 3.77 29.24
N LEU A 39 -33.91 4.59 28.36
CA LEU A 39 -34.08 4.34 26.93
C LEU A 39 -33.42 3.02 26.52
N ALA A 40 -32.24 2.72 27.07
CA ALA A 40 -31.60 1.45 26.78
C ALA A 40 -32.43 0.27 27.26
N GLU A 41 -32.99 0.37 28.47
CA GLU A 41 -33.83 -0.70 28.99
C GLU A 41 -35.06 -0.88 28.12
N ALA A 42 -35.68 0.22 27.69
CA ALA A 42 -36.86 0.17 26.84
C ALA A 42 -36.55 -0.21 25.39
N LYS A 43 -35.28 -0.40 25.03
CA LYS A 43 -34.87 -0.69 23.64
C LYS A 43 -35.25 0.44 22.69
N ILE A 44 -35.17 1.69 23.17
CA ILE A 44 -35.48 2.87 22.38
C ILE A 44 -34.16 3.46 21.89
N LYS A 45 -33.90 3.34 20.59
CA LYS A 45 -32.69 3.89 19.99
C LYS A 45 -32.85 5.39 19.72
N HIS A 46 -31.73 6.13 19.81
CA HIS A 46 -31.76 7.58 19.72
C HIS A 46 -30.37 8.13 19.44
N ALA A 47 -30.34 9.36 18.91
CA ALA A 47 -29.11 10.16 18.89
C ALA A 47 -28.88 10.84 20.24
N THR A 48 -27.64 11.25 20.48
CA THR A 48 -27.25 11.98 21.68
C THR A 48 -26.27 13.09 21.31
N ILE A 49 -26.55 14.31 21.76
CA ILE A 49 -25.62 15.43 21.64
C ILE A 49 -25.12 15.77 23.03
N GLU A 50 -23.79 15.74 23.21
CA GLU A 50 -23.16 15.99 24.51
C GLU A 50 -22.69 17.44 24.50
N LEU A 51 -23.43 18.32 25.17
CA LEU A 51 -23.17 19.76 25.04
C LEU A 51 -21.82 20.15 25.62
N ASP A 52 -21.35 19.47 26.66
CA ASP A 52 -20.07 19.85 27.26
C ASP A 52 -18.89 19.60 26.33
N GLN A 53 -19.03 18.75 25.31
CA GLN A 53 -17.93 18.46 24.41
C GLN A 53 -17.97 19.27 23.12
N LEU A 54 -18.85 20.26 23.05
CA LEU A 54 -18.95 21.16 21.90
C LEU A 54 -18.54 22.56 22.32
N SER A 55 -17.86 23.26 21.41
CA SER A 55 -17.38 24.60 21.72
C SER A 55 -18.54 25.55 21.99
N ASN A 56 -19.59 25.48 21.17
CA ASN A 56 -20.77 26.34 21.33
C ASN A 56 -21.83 25.72 22.22
N GLY A 57 -21.45 24.82 23.14
CA GLY A 57 -22.44 24.10 23.93
C GLY A 57 -23.30 25.00 24.80
N SER A 58 -22.70 26.07 25.34
CA SER A 58 -23.46 27.00 26.15
C SER A 58 -24.50 27.74 25.32
N ALA A 59 -24.14 28.13 24.10
CA ALA A 59 -25.08 28.82 23.24
C ALA A 59 -26.19 27.90 22.76
N ILE A 60 -25.86 26.63 22.48
CA ILE A 60 -26.88 25.65 22.10
C ILE A 60 -27.91 25.52 23.22
N GLN A 61 -27.42 25.40 24.45
CA GLN A 61 -28.31 25.26 25.60
C GLN A 61 -29.26 26.44 25.72
N LYS A 62 -28.76 27.64 25.42
CA LYS A 62 -29.62 28.83 25.39
C LYS A 62 -30.69 28.70 24.31
N CYS A 63 -30.29 28.22 23.12
CA CYS A 63 -31.20 28.14 21.98
C CYS A 63 -32.31 27.12 22.19
N LEU A 64 -32.06 26.05 22.94
CA LEU A 64 -33.06 25.01 23.15
C LEU A 64 -34.35 25.55 23.74
N ALA A 65 -34.26 26.60 24.58
CA ALA A 65 -35.47 27.13 25.21
C ALA A 65 -36.48 27.65 24.18
N SER A 66 -36.04 28.05 22.99
CA SER A 66 -36.96 28.40 21.93
C SER A 66 -37.92 27.27 21.58
N PHE A 67 -37.53 26.02 21.86
CA PHE A 67 -38.40 24.87 21.64
C PHE A 67 -39.02 24.32 22.92
N SER A 68 -38.24 24.23 24.00
CA SER A 68 -38.70 23.55 25.21
C SER A 68 -39.11 24.50 26.33
N LYS A 69 -38.75 25.78 26.23
CA LYS A 69 -38.86 26.78 27.30
C LYS A 69 -38.05 26.42 28.54
N ILE A 70 -37.10 25.47 28.46
CA ILE A 70 -36.16 25.26 29.55
C ILE A 70 -34.73 25.25 28.99
N GLU A 71 -33.77 25.51 29.88
CA GLU A 71 -32.38 25.67 29.48
C GLU A 71 -31.44 24.64 30.10
N THR A 72 -31.97 23.63 30.78
CA THR A 72 -31.17 22.61 31.44
C THR A 72 -31.08 21.34 30.59
N VAL A 73 -30.16 20.45 30.96
CA VAL A 73 -30.11 19.11 30.38
C VAL A 73 -30.51 18.14 31.47
N PRO A 74 -31.10 16.98 31.13
CA PRO A 74 -31.40 16.48 29.77
C PRO A 74 -32.66 17.06 29.14
N GLN A 75 -32.74 17.08 27.81
CA GLN A 75 -33.96 17.39 27.08
C GLN A 75 -34.13 16.34 25.99
N MET A 76 -35.27 15.65 25.98
CA MET A 76 -35.52 14.65 24.94
C MET A 76 -36.60 15.15 23.97
N PHE A 77 -36.35 14.97 22.66
CA PHE A 77 -37.26 15.34 21.59
C PHE A 77 -37.60 14.12 20.74
N VAL A 78 -38.78 14.15 20.13
CA VAL A 78 -39.25 13.12 19.20
C VAL A 78 -39.90 13.83 18.01
N ARG A 79 -39.35 13.61 16.81
CA ARG A 79 -39.88 14.15 15.56
C ARG A 79 -40.25 15.63 15.69
N GLY A 80 -39.33 16.40 16.26
CA GLY A 80 -39.42 17.84 16.33
C GLY A 80 -40.13 18.40 17.55
N LYS A 81 -40.64 17.55 18.43
CA LYS A 81 -41.48 17.93 19.55
C LYS A 81 -40.72 17.68 20.86
N PHE A 82 -40.69 18.67 21.74
CA PHE A 82 -40.10 18.48 23.07
C PHE A 82 -40.95 17.48 23.85
N ILE A 83 -40.33 16.45 24.40
CA ILE A 83 -41.01 15.39 25.12
C ILE A 83 -40.87 15.57 26.64
N GLY A 84 -39.67 15.85 27.14
CA GLY A 84 -39.54 16.11 28.57
C GLY A 84 -38.13 16.10 29.11
N ASP A 85 -38.03 16.48 30.38
CA ASP A 85 -36.80 16.34 31.16
C ASP A 85 -36.82 15.00 31.89
N SER A 86 -35.95 14.84 32.91
CA SER A 86 -35.80 13.55 33.58
C SER A 86 -37.11 13.10 34.26
N GLN A 87 -37.70 13.96 35.11
CA GLN A 87 -38.91 13.54 35.82
C GLN A 87 -40.02 13.14 34.84
N THR A 88 -40.14 13.89 33.72
CA THR A 88 -41.22 13.64 32.77
C THR A 88 -41.00 12.33 32.01
N VAL A 89 -39.78 12.08 31.54
CA VAL A 89 -39.51 10.81 30.83
C VAL A 89 -39.78 9.62 31.74
N LEU A 90 -39.36 9.69 33.00
CA LEU A 90 -39.63 8.58 33.92
C LEU A 90 -41.12 8.39 34.16
N LYS A 91 -41.88 9.50 34.24
CA LYS A 91 -43.33 9.41 34.34
C LYS A 91 -43.92 8.59 33.21
N TYR A 92 -43.54 8.90 31.97
CA TYR A 92 -44.10 8.17 30.83
C TYR A 92 -43.75 6.69 30.90
N TYR A 93 -42.49 6.38 31.26
CA TYR A 93 -42.07 4.99 31.34
C TYR A 93 -42.81 4.26 32.46
N SER A 94 -42.94 4.90 33.62
CA SER A 94 -43.63 4.28 34.75
C SER A 94 -45.08 3.98 34.42
N ASN A 95 -45.71 4.82 33.60
CA ASN A 95 -47.11 4.66 33.23
C ASN A 95 -47.29 3.88 31.91
N ASP A 96 -46.22 3.31 31.36
CA ASP A 96 -46.29 2.54 30.11
C ASP A 96 -46.78 3.39 28.94
N GLU A 97 -46.42 4.68 28.96
CA GLU A 97 -46.80 5.64 27.93
C GLU A 97 -45.65 5.96 26.97
N LEU A 98 -44.40 5.66 27.35
CA LEU A 98 -43.26 6.13 26.58
C LEU A 98 -43.17 5.45 25.22
N ALA A 99 -43.49 4.15 25.14
CA ALA A 99 -43.38 3.45 23.85
C ALA A 99 -44.29 4.07 22.80
N GLY A 100 -45.54 4.41 23.18
CA GLY A 100 -46.44 5.02 22.22
C GLY A 100 -46.00 6.41 21.78
N ILE A 101 -45.39 7.17 22.70
CA ILE A 101 -44.94 8.51 22.35
C ILE A 101 -43.79 8.47 21.34
N VAL A 102 -42.80 7.61 21.58
CA VAL A 102 -41.66 7.56 20.65
C VAL A 102 -42.02 6.94 19.31
N ASN A 103 -43.17 6.29 19.19
CA ASN A 103 -43.62 5.77 17.91
C ASN A 103 -44.67 6.63 17.23
N GLU A 104 -45.11 7.74 17.84
CA GLU A 104 -46.03 8.67 17.19
C GLU A 104 -45.38 9.29 15.96
N SER A 105 -46.02 9.18 14.80
CA SER A 105 -45.43 9.73 13.59
C SER A 105 -46.51 10.08 12.56
N LYS A 106 -46.27 11.18 11.84
CA LYS A 106 -47.13 11.64 10.76
C LYS A 106 -47.08 10.72 9.54
N TYR A 107 -45.93 10.08 9.31
CA TYR A 107 -45.66 9.25 8.14
C TYR A 107 -45.47 7.80 8.57
N ASP A 108 -45.52 6.88 7.60
CA ASP A 108 -45.25 5.47 7.92
C ASP A 108 -43.79 5.27 8.37
N TYR A 109 -42.86 6.03 7.79
CA TYR A 109 -41.44 5.87 8.09
C TYR A 109 -40.78 7.23 8.23
N ASP A 110 -39.70 7.28 9.02
CA ASP A 110 -38.86 8.47 9.02
C ASP A 110 -38.03 8.56 7.75
N LEU A 111 -37.66 7.40 7.20
CA LEU A 111 -36.78 7.30 6.04
C LEU A 111 -37.27 6.16 5.15
N ILE A 112 -37.45 6.43 3.86
CA ILE A 112 -37.61 5.37 2.87
C ILE A 112 -36.41 5.45 1.93
N VAL A 113 -35.68 4.33 1.79
CA VAL A 113 -34.55 4.20 0.85
C VAL A 113 -35.03 3.41 -0.35
N ILE A 114 -34.95 3.99 -1.54
CA ILE A 114 -35.32 3.27 -2.76
C ILE A 114 -34.01 2.75 -3.37
N GLY A 115 -33.79 1.44 -3.27
CA GLY A 115 -32.57 0.81 -3.76
C GLY A 115 -31.77 0.16 -2.65
N GLY A 116 -31.53 -1.14 -2.75
CA GLY A 116 -30.80 -1.87 -1.72
C GLY A 116 -29.41 -2.27 -2.15
N GLY A 117 -28.58 -1.30 -2.58
CA GLY A 117 -27.23 -1.55 -3.01
C GLY A 117 -26.22 -0.99 -2.03
N SER A 118 -25.01 -0.72 -2.54
CA SER A 118 -23.90 -0.24 -1.71
C SER A 118 -24.30 0.97 -0.86
N GLY A 119 -24.78 2.03 -1.51
CA GLY A 119 -25.15 3.24 -0.77
C GLY A 119 -26.42 3.11 0.05
N GLY A 120 -27.47 2.52 -0.53
CA GLY A 120 -28.76 2.46 0.15
C GLY A 120 -28.74 1.62 1.42
N LEU A 121 -28.09 0.45 1.37
CA LEU A 121 -28.02 -0.36 2.59
C LEU A 121 -27.18 0.34 3.66
N ALA A 122 -26.11 1.02 3.25
CA ALA A 122 -25.29 1.76 4.21
C ALA A 122 -26.09 2.88 4.86
N ALA A 123 -26.86 3.62 4.06
CA ALA A 123 -27.67 4.72 4.60
C ALA A 123 -28.75 4.21 5.54
N GLY A 124 -29.45 3.16 5.13
CA GLY A 124 -30.56 2.66 5.94
C GLY A 124 -30.12 2.11 7.28
N LYS A 125 -29.00 1.36 7.30
CA LYS A 125 -28.49 0.82 8.55
C LYS A 125 -28.03 1.93 9.49
N GLU A 126 -27.34 2.94 8.94
CA GLU A 126 -26.84 4.02 9.79
C GLU A 126 -27.98 4.85 10.37
N ALA A 127 -29.02 5.12 9.57
CA ALA A 127 -30.15 5.90 10.08
C ALA A 127 -30.89 5.17 11.20
N ALA A 128 -31.12 3.87 11.04
CA ALA A 128 -31.82 3.09 12.06
C ALA A 128 -31.12 3.12 13.41
N LYS A 129 -29.79 3.22 13.42
CA LYS A 129 -29.02 3.32 14.65
C LYS A 129 -29.47 4.47 15.56
N TYR A 130 -29.95 5.57 14.98
CA TYR A 130 -30.35 6.74 15.74
C TYR A 130 -31.85 6.83 15.98
N GLY A 131 -32.58 5.72 15.76
CA GLY A 131 -34.00 5.67 16.03
C GLY A 131 -34.91 5.98 14.87
N ALA A 132 -34.38 6.25 13.67
CA ALA A 132 -35.21 6.46 12.49
C ALA A 132 -35.93 5.16 12.12
N LYS A 133 -37.25 5.22 12.02
CA LYS A 133 -38.03 4.09 11.51
C LYS A 133 -37.81 4.04 10.00
N THR A 134 -37.19 2.97 9.51
CA THR A 134 -36.60 2.93 8.16
C THR A 134 -37.11 1.73 7.37
N ALA A 135 -37.41 1.96 6.08
CA ALA A 135 -37.68 0.88 5.12
C ALA A 135 -36.67 0.95 3.97
N VAL A 136 -36.15 -0.20 3.56
CA VAL A 136 -35.29 -0.32 2.38
C VAL A 136 -36.04 -1.13 1.33
N LEU A 137 -36.17 -0.56 0.13
CA LEU A 137 -36.81 -1.20 -1.01
C LEU A 137 -35.74 -1.67 -1.98
N ASP A 138 -35.79 -2.94 -2.39
CA ASP A 138 -34.90 -3.42 -3.45
C ASP A 138 -35.64 -4.35 -4.40
N TYR A 139 -35.39 -4.17 -5.68
CA TYR A 139 -35.94 -5.02 -6.73
C TYR A 139 -34.93 -5.08 -7.87
N VAL A 140 -34.76 -6.27 -8.45
CA VAL A 140 -33.79 -6.52 -9.53
C VAL A 140 -34.57 -6.91 -10.79
N GLU A 141 -34.73 -5.97 -11.72
CA GLU A 141 -35.33 -6.22 -13.02
C GLU A 141 -34.49 -7.24 -13.78
N PRO A 142 -35.05 -8.37 -14.23
CA PRO A 142 -34.24 -9.36 -14.94
C PRO A 142 -33.64 -8.83 -16.24
N THR A 143 -32.49 -9.40 -16.60
CA THR A 143 -31.85 -9.11 -17.87
C THR A 143 -32.68 -9.71 -18.99
N PRO A 144 -32.41 -9.34 -20.24
CA PRO A 144 -33.14 -9.94 -21.37
C PRO A 144 -33.18 -11.46 -21.40
N ILE A 145 -32.08 -12.17 -21.08
CA ILE A 145 -32.14 -13.63 -21.07
C ILE A 145 -32.68 -14.19 -19.76
N GLY A 146 -33.01 -13.34 -18.80
CA GLY A 146 -33.71 -13.74 -17.60
C GLY A 146 -32.91 -13.76 -16.30
N THR A 147 -31.68 -13.29 -16.31
CA THR A 147 -30.85 -13.35 -15.11
C THR A 147 -31.35 -12.39 -14.03
N THR A 148 -31.34 -12.87 -12.78
CA THR A 148 -31.65 -12.07 -11.60
C THR A 148 -30.75 -12.53 -10.46
N TRP A 149 -30.80 -11.81 -9.33
CA TRP A 149 -29.94 -12.05 -8.17
C TRP A 149 -30.54 -11.39 -6.93
N GLY A 150 -29.83 -11.50 -5.80
CA GLY A 150 -30.37 -11.14 -4.51
C GLY A 150 -29.91 -9.78 -3.99
N LEU A 151 -30.17 -9.55 -2.70
CA LEU A 151 -29.99 -8.22 -2.11
C LEU A 151 -28.51 -7.83 -2.07
N GLY A 152 -28.25 -6.53 -2.27
CA GLY A 152 -26.89 -6.03 -2.13
C GLY A 152 -26.37 -5.16 -3.26
N GLY A 153 -27.06 -5.14 -4.41
CA GLY A 153 -26.71 -4.21 -5.47
C GLY A 153 -25.66 -4.74 -6.44
N THR A 154 -25.13 -3.81 -7.23
CA THR A 154 -24.28 -4.16 -8.38
C THR A 154 -22.94 -4.74 -7.94
N CYS A 155 -22.27 -4.08 -6.99
CA CYS A 155 -20.93 -4.52 -6.62
C CYS A 155 -20.95 -5.94 -6.04
N VAL A 156 -21.91 -6.21 -5.13
CA VAL A 156 -22.01 -7.53 -4.48
C VAL A 156 -22.27 -8.65 -5.49
N ASN A 157 -23.21 -8.42 -6.41
CA ASN A 157 -23.77 -9.50 -7.25
C ASN A 157 -23.17 -9.58 -8.64
N VAL A 158 -22.92 -8.44 -9.29
CA VAL A 158 -22.53 -8.44 -10.69
C VAL A 158 -21.46 -7.39 -10.97
N GLY A 159 -20.60 -7.10 -9.98
CA GLY A 159 -19.58 -6.08 -10.13
C GLY A 159 -18.30 -6.38 -9.37
N CYS A 160 -17.95 -5.53 -8.39
CA CYS A 160 -16.61 -5.54 -7.79
C CYS A 160 -16.25 -6.94 -7.30
N ILE A 161 -17.16 -7.58 -6.59
CA ILE A 161 -16.89 -8.83 -5.86
C ILE A 161 -16.66 -10.00 -6.83
N PRO A 162 -17.60 -10.36 -7.71
CA PRO A 162 -17.28 -11.48 -8.63
C PRO A 162 -16.16 -11.14 -9.61
N LYS A 163 -16.11 -9.89 -10.09
CA LYS A 163 -15.02 -9.45 -10.98
C LYS A 163 -13.65 -9.75 -10.40
N LYS A 164 -13.41 -9.33 -9.14
CA LYS A 164 -12.09 -9.55 -8.57
C LYS A 164 -11.84 -11.02 -8.23
N LEU A 165 -12.89 -11.79 -7.93
CA LEU A 165 -12.65 -13.20 -7.67
C LEU A 165 -12.21 -13.92 -8.96
N MET A 166 -12.84 -13.60 -10.10
CA MET A 166 -12.41 -14.19 -11.36
C MET A 166 -11.04 -13.67 -11.77
N HIS A 167 -10.76 -12.38 -11.50
CA HIS A 167 -9.41 -11.85 -11.67
C HIS A 167 -8.40 -12.68 -10.89
N GLN A 168 -8.71 -13.01 -9.62
CA GLN A 168 -7.79 -13.83 -8.83
C GLN A 168 -7.61 -15.23 -9.44
N ALA A 169 -8.66 -15.84 -9.96
CA ALA A 169 -8.49 -17.12 -10.67
C ALA A 169 -7.53 -16.95 -11.85
N GLY A 170 -7.62 -15.82 -12.54
CA GLY A 170 -6.71 -15.57 -13.66
C GLY A 170 -5.28 -15.34 -13.22
N LEU A 171 -5.09 -14.59 -12.13
CA LEU A 171 -3.75 -14.38 -11.58
C LEU A 171 -3.10 -15.71 -11.18
N LEU A 172 -3.90 -16.64 -10.66
CA LEU A 172 -3.31 -17.92 -10.26
C LEU A 172 -2.75 -18.71 -11.44
N SER A 173 -3.18 -18.43 -12.67
CA SER A 173 -2.55 -19.07 -13.82
C SER A 173 -1.06 -18.75 -13.84
N HIS A 174 -0.70 -17.49 -13.59
CA HIS A 174 0.70 -17.11 -13.60
C HIS A 174 1.41 -17.61 -12.35
N ALA A 175 0.69 -17.71 -11.22
CA ALA A 175 1.31 -18.26 -10.02
C ALA A 175 1.70 -19.73 -10.23
N LEU A 176 0.85 -20.50 -10.93
CA LEU A 176 1.19 -21.89 -11.23
C LEU A 176 2.45 -21.98 -12.11
N GLU A 177 2.56 -21.10 -13.11
CA GLU A 177 3.78 -21.03 -13.92
C GLU A 177 5.01 -20.68 -13.06
N ASP A 178 4.90 -19.60 -12.27
CA ASP A 178 6.04 -19.16 -11.46
C ASP A 178 6.50 -20.24 -10.48
N ALA A 179 5.56 -21.05 -9.98
CA ALA A 179 5.86 -22.06 -8.97
C ALA A 179 6.90 -23.06 -9.48
N GLU A 180 6.87 -23.40 -10.77
CA GLU A 180 7.92 -24.27 -11.32
C GLU A 180 9.31 -23.69 -11.10
N HIS A 181 9.49 -22.41 -11.42
CA HIS A 181 10.81 -21.79 -11.26
C HIS A 181 11.22 -21.73 -9.79
N PHE A 182 10.27 -21.60 -8.87
CA PHE A 182 10.63 -21.58 -7.46
C PHE A 182 10.80 -22.98 -6.86
N GLY A 183 10.74 -24.05 -7.67
CA GLY A 183 11.08 -25.39 -7.23
C GLY A 183 9.93 -26.39 -7.09
N TRP A 184 8.69 -26.01 -7.36
CA TRP A 184 7.57 -26.94 -7.22
C TRP A 184 7.44 -27.86 -8.43
N SER A 185 6.95 -29.09 -8.20
CA SER A 185 7.05 -30.17 -9.19
C SER A 185 5.94 -30.19 -10.23
N LEU A 186 5.03 -29.22 -10.22
CA LEU A 186 3.91 -29.26 -11.17
C LEU A 186 4.38 -28.90 -12.59
N ASP A 187 3.49 -29.16 -13.54
CA ASP A 187 3.72 -28.83 -14.96
C ASP A 187 2.51 -28.05 -15.43
N ARG A 188 2.65 -26.71 -15.48
CA ARG A 188 1.53 -25.84 -15.87
C ARG A 188 0.94 -26.25 -17.21
N SER A 189 1.78 -26.77 -18.11
CA SER A 189 1.33 -27.22 -19.42
C SER A 189 0.22 -28.26 -19.37
N LYS A 190 0.19 -29.09 -18.32
CA LYS A 190 -0.79 -30.16 -18.24
C LYS A 190 -1.99 -29.80 -17.38
N ILE A 191 -2.11 -28.56 -16.96
CA ILE A 191 -3.17 -28.13 -16.06
C ILE A 191 -4.16 -27.26 -16.82
N SER A 192 -5.45 -27.40 -16.51
CA SER A 192 -6.52 -26.71 -17.22
C SER A 192 -7.49 -26.12 -16.20
N HIS A 193 -8.38 -25.24 -16.67
CA HIS A 193 -9.32 -24.57 -15.79
C HIS A 193 -10.76 -25.04 -16.05
N ASN A 194 -11.52 -25.26 -14.97
CA ASN A 194 -12.94 -25.62 -15.05
C ASN A 194 -13.78 -24.41 -14.68
N TRP A 195 -14.40 -23.79 -15.69
CA TRP A 195 -15.19 -22.57 -15.48
C TRP A 195 -16.29 -22.78 -14.45
N SER A 196 -17.04 -23.88 -14.56
CA SER A 196 -18.23 -23.97 -13.73
C SER A 196 -17.87 -24.23 -12.27
N THR A 197 -16.73 -24.86 -12.01
CA THR A 197 -16.28 -24.99 -10.62
C THR A 197 -15.99 -23.63 -10.03
N MET A 198 -15.33 -22.76 -10.79
CA MET A 198 -15.07 -21.42 -10.29
C MET A 198 -16.38 -20.65 -10.04
N VAL A 199 -17.34 -20.75 -10.99
CA VAL A 199 -18.60 -20.00 -10.84
C VAL A 199 -19.37 -20.47 -9.61
N GLU A 200 -19.40 -21.80 -9.38
CA GLU A 200 -20.06 -22.32 -8.17
C GLU A 200 -19.48 -21.69 -6.90
N GLY A 201 -18.15 -21.61 -6.82
CA GLY A 201 -17.52 -20.99 -5.64
C GLY A 201 -17.84 -19.51 -5.51
N VAL A 202 -17.74 -18.77 -6.61
CA VAL A 202 -18.07 -17.34 -6.60
C VAL A 202 -19.52 -17.15 -6.17
N GLN A 203 -20.44 -17.95 -6.74
CA GLN A 203 -21.85 -17.74 -6.42
C GLN A 203 -22.18 -18.16 -5.00
N SER A 204 -21.45 -19.13 -4.44
CA SER A 204 -21.63 -19.47 -3.04
C SER A 204 -21.26 -18.30 -2.12
N HIS A 205 -20.14 -17.63 -2.38
CA HIS A 205 -19.79 -16.45 -1.59
C HIS A 205 -20.82 -15.34 -1.76
N ILE A 206 -21.26 -15.06 -3.00
CA ILE A 206 -22.29 -14.03 -3.22
C ILE A 206 -23.56 -14.36 -2.44
N GLY A 207 -23.96 -15.64 -2.45
CA GLY A 207 -25.12 -16.06 -1.68
C GLY A 207 -24.97 -15.75 -0.19
N SER A 208 -23.77 -15.95 0.37
CA SER A 208 -23.59 -15.63 1.79
C SER A 208 -23.71 -14.13 2.06
N LEU A 209 -23.34 -13.30 1.08
CA LEU A 209 -23.50 -11.86 1.26
C LEU A 209 -24.97 -11.45 1.15
N ASN A 210 -25.72 -12.02 0.20
CA ASN A 210 -27.16 -11.76 0.11
C ASN A 210 -27.82 -12.02 1.47
N TRP A 211 -27.55 -13.21 2.03
CA TRP A 211 -28.15 -13.59 3.32
C TRP A 211 -27.67 -12.68 4.44
N GLY A 212 -26.38 -12.32 4.43
CA GLY A 212 -25.84 -11.45 5.47
C GLY A 212 -26.48 -10.07 5.52
N TYR A 213 -26.79 -9.50 4.34
CA TYR A 213 -27.52 -8.22 4.34
C TYR A 213 -28.94 -8.36 4.88
N LYS A 214 -29.64 -9.46 4.59
CA LYS A 214 -30.99 -9.64 5.13
C LYS A 214 -30.96 -9.77 6.66
N VAL A 215 -29.99 -10.52 7.20
CA VAL A 215 -29.87 -10.65 8.64
C VAL A 215 -29.52 -9.30 9.28
N ALA A 216 -28.62 -8.54 8.64
CA ALA A 216 -28.24 -7.24 9.17
C ALA A 216 -29.41 -6.27 9.22
N LEU A 217 -30.28 -6.28 8.21
CA LEU A 217 -31.44 -5.41 8.26
C LEU A 217 -32.42 -5.88 9.35
N ARG A 218 -32.66 -7.19 9.41
CA ARG A 218 -33.49 -7.75 10.48
C ARG A 218 -32.97 -7.34 11.86
N ASP A 219 -31.66 -7.48 12.08
CA ASP A 219 -31.10 -7.16 13.40
C ASP A 219 -31.05 -5.65 13.70
N ASN A 220 -31.20 -4.77 12.71
CA ASN A 220 -31.29 -3.32 12.92
C ASN A 220 -32.73 -2.81 12.95
N GLN A 221 -33.73 -3.69 12.95
CA GLN A 221 -35.15 -3.33 12.92
C GLN A 221 -35.52 -2.51 11.69
N VAL A 222 -34.83 -2.73 10.57
CA VAL A 222 -35.14 -2.09 9.30
C VAL A 222 -36.10 -2.99 8.52
N THR A 223 -37.14 -2.39 7.96
CA THR A 223 -38.11 -3.14 7.15
C THR A 223 -37.55 -3.31 5.75
N TYR A 224 -37.36 -4.55 5.32
CA TYR A 224 -36.92 -4.85 3.96
C TYR A 224 -38.13 -5.27 3.13
N LEU A 225 -38.38 -4.53 2.04
CA LEU A 225 -39.43 -4.87 1.06
C LEU A 225 -38.78 -5.19 -0.28
N ASN A 226 -38.94 -6.44 -0.74
CA ASN A 226 -38.50 -6.85 -2.07
C ASN A 226 -39.58 -6.43 -3.06
N ALA A 227 -39.56 -5.15 -3.40
CA ALA A 227 -40.60 -4.54 -4.22
C ALA A 227 -40.01 -3.39 -5.02
N LYS A 228 -40.63 -3.10 -6.16
CA LYS A 228 -40.22 -1.98 -6.99
C LYS A 228 -40.89 -0.70 -6.49
N GLY A 229 -40.12 0.35 -6.28
CA GLY A 229 -40.63 1.63 -5.79
C GLY A 229 -40.69 2.72 -6.84
N ARG A 230 -41.67 3.63 -6.70
CA ARG A 230 -41.80 4.81 -7.57
C ARG A 230 -42.23 6.00 -6.73
N LEU A 231 -41.43 7.08 -6.75
CA LEU A 231 -41.76 8.30 -6.00
C LEU A 231 -42.82 9.07 -6.79
N ILE A 232 -44.03 9.20 -6.24
CA ILE A 232 -45.13 9.84 -6.95
C ILE A 232 -45.49 11.22 -6.40
N SER A 233 -45.00 11.58 -5.22
CA SER A 233 -45.03 12.93 -4.67
C SER A 233 -43.93 13.00 -3.61
N PRO A 234 -43.67 14.18 -3.02
CA PRO A 234 -42.51 14.27 -2.12
C PRO A 234 -42.47 13.23 -1.00
N HIS A 235 -43.62 12.80 -0.46
CA HIS A 235 -43.64 11.88 0.67
C HIS A 235 -44.29 10.53 0.36
N GLU A 236 -44.76 10.29 -0.87
CA GLU A 236 -45.45 9.05 -1.20
C GLU A 236 -44.62 8.19 -2.15
N VAL A 237 -44.40 6.92 -1.78
CA VAL A 237 -43.74 5.93 -2.63
C VAL A 237 -44.75 4.84 -2.95
N GLN A 238 -44.98 4.63 -4.24
CA GLN A 238 -45.85 3.56 -4.71
C GLN A 238 -45.00 2.31 -4.87
N ILE A 239 -45.43 1.18 -4.30
CA ILE A 239 -44.65 -0.05 -4.35
C ILE A 239 -45.46 -1.13 -5.06
N THR A 240 -44.75 -1.96 -5.85
CA THR A 240 -45.34 -3.11 -6.53
C THR A 240 -44.60 -4.36 -6.06
N ASP A 241 -45.31 -5.30 -5.43
CA ASP A 241 -44.61 -6.43 -4.83
C ASP A 241 -44.54 -7.60 -5.82
N LYS A 242 -44.07 -8.77 -5.32
CA LYS A 242 -43.85 -9.93 -6.18
C LYS A 242 -45.14 -10.41 -6.86
N ASN A 243 -46.30 -10.18 -6.24
CA ASN A 243 -47.57 -10.61 -6.81
C ASN A 243 -48.24 -9.50 -7.61
N GLN A 244 -47.52 -8.44 -7.96
CA GLN A 244 -48.06 -7.28 -8.66
C GLN A 244 -49.16 -6.57 -7.88
N LYS A 245 -49.17 -6.70 -6.55
CA LYS A 245 -50.01 -5.86 -5.71
C LYS A 245 -49.39 -4.47 -5.58
N VAL A 246 -50.19 -3.43 -5.84
CA VAL A 246 -49.73 -2.04 -5.80
C VAL A 246 -50.34 -1.36 -4.58
N SER A 247 -49.50 -0.68 -3.78
CA SER A 247 -49.94 0.10 -2.62
C SER A 247 -49.07 1.34 -2.49
N THR A 248 -49.35 2.17 -1.47
CA THR A 248 -48.59 3.39 -1.23
C THR A 248 -48.14 3.44 0.22
N ILE A 249 -46.86 3.78 0.43
CA ILE A 249 -46.32 4.04 1.76
C ILE A 249 -45.73 5.44 1.79
N THR A 250 -45.66 6.04 2.99
CA THR A 250 -45.20 7.41 3.12
C THR A 250 -43.95 7.51 4.00
N GLY A 251 -43.11 8.50 3.71
CA GLY A 251 -41.90 8.72 4.45
C GLY A 251 -41.60 10.19 4.58
N ASN A 252 -40.96 10.55 5.69
CA ASN A 252 -40.56 11.93 5.89
C ASN A 252 -39.41 12.30 4.97
N LYS A 253 -38.26 11.63 5.10
CA LYS A 253 -37.13 11.77 4.21
C LYS A 253 -37.09 10.63 3.20
N ILE A 254 -36.61 10.92 1.99
CA ILE A 254 -36.47 9.92 0.92
C ILE A 254 -35.03 9.95 0.43
N ILE A 255 -34.40 8.77 0.32
CA ILE A 255 -33.07 8.67 -0.31
C ILE A 255 -33.20 7.83 -1.57
N LEU A 256 -32.85 8.42 -2.71
CA LEU A 256 -32.81 7.71 -3.98
C LEU A 256 -31.42 7.09 -4.15
N ALA A 257 -31.38 5.77 -4.33
CA ALA A 257 -30.13 5.01 -4.41
C ALA A 257 -30.30 3.82 -5.36
N THR A 258 -30.84 4.06 -6.57
CA THR A 258 -31.27 2.98 -7.46
C THR A 258 -30.21 2.54 -8.49
N GLY A 259 -29.06 3.21 -8.54
CA GLY A 259 -27.96 2.72 -9.39
C GLY A 259 -28.23 2.77 -10.91
N GLU A 260 -27.47 1.95 -11.63
CA GLU A 260 -27.47 1.94 -13.10
C GLU A 260 -27.51 0.49 -13.61
N ARG A 261 -27.69 0.33 -14.92
CA ARG A 261 -27.67 -0.97 -15.57
C ARG A 261 -26.93 -0.84 -16.92
N PRO A 262 -26.44 -1.96 -17.47
CA PRO A 262 -25.65 -1.85 -18.71
C PRO A 262 -26.48 -1.36 -19.90
N LYS A 263 -25.83 -0.59 -20.77
CA LYS A 263 -26.40 -0.16 -22.04
C LYS A 263 -26.18 -1.23 -23.12
N TYR A 264 -27.05 -1.22 -24.14
CA TYR A 264 -26.86 -2.01 -25.36
C TYR A 264 -26.75 -1.10 -26.57
N PRO A 265 -25.93 -1.42 -27.56
CA PRO A 265 -25.97 -0.66 -28.82
C PRO A 265 -27.27 -0.93 -29.56
N GLU A 266 -27.76 0.11 -30.25
CA GLU A 266 -28.98 -0.01 -31.05
C GLU A 266 -28.68 -0.63 -32.41
N ILE A 267 -28.40 -1.93 -32.40
CA ILE A 267 -28.14 -2.68 -33.64
C ILE A 267 -28.96 -3.98 -33.65
N PRO A 268 -29.27 -4.53 -34.82
CA PRO A 268 -29.98 -5.83 -34.85
C PRO A 268 -29.21 -6.95 -34.16
N GLY A 269 -29.92 -7.73 -33.34
CA GLY A 269 -29.36 -8.91 -32.71
C GLY A 269 -28.68 -8.70 -31.38
N ALA A 270 -28.48 -7.44 -30.95
CA ALA A 270 -27.71 -7.16 -29.74
C ALA A 270 -28.41 -7.70 -28.49
N VAL A 271 -29.67 -7.31 -28.28
CA VAL A 271 -30.44 -7.76 -27.12
C VAL A 271 -30.74 -9.25 -27.20
N GLU A 272 -31.06 -9.74 -28.39
CA GLU A 272 -31.41 -11.15 -28.56
C GLU A 272 -30.23 -12.09 -28.31
N TYR A 273 -29.05 -11.76 -28.84
CA TYR A 273 -27.97 -12.75 -28.92
C TYR A 273 -26.69 -12.41 -28.14
N GLY A 274 -26.47 -11.14 -27.75
CA GLY A 274 -25.33 -10.79 -26.91
C GLY A 274 -25.70 -10.82 -25.43
N ILE A 275 -24.70 -10.64 -24.56
CA ILE A 275 -24.91 -10.53 -23.12
C ILE A 275 -24.12 -9.33 -22.59
N THR A 276 -24.30 -9.03 -21.29
CA THR A 276 -23.53 -8.01 -20.56
C THR A 276 -22.87 -8.63 -19.32
N SER A 277 -22.13 -7.79 -18.56
CA SER A 277 -21.57 -8.20 -17.28
C SER A 277 -22.65 -8.72 -16.32
N ASP A 278 -23.89 -8.22 -16.42
CA ASP A 278 -24.98 -8.72 -15.56
C ASP A 278 -25.14 -10.26 -15.66
N ASP A 279 -24.91 -10.81 -16.85
CA ASP A 279 -25.10 -12.24 -17.13
C ASP A 279 -23.83 -13.06 -16.93
N LEU A 280 -22.66 -12.43 -17.09
CA LEU A 280 -21.39 -13.16 -17.13
C LEU A 280 -21.10 -13.89 -15.82
N PHE A 281 -21.36 -13.24 -14.68
CA PHE A 281 -20.83 -13.75 -13.42
C PHE A 281 -21.59 -14.95 -12.88
N SER A 282 -22.73 -15.31 -13.48
CA SER A 282 -23.42 -16.56 -13.15
C SER A 282 -23.59 -17.48 -14.35
N LEU A 283 -22.91 -17.21 -15.45
CA LEU A 283 -23.11 -17.99 -16.67
C LEU A 283 -22.78 -19.48 -16.45
N PRO A 284 -23.68 -20.40 -16.82
CA PRO A 284 -23.44 -21.82 -16.48
C PRO A 284 -22.39 -22.51 -17.35
N TYR A 285 -22.01 -21.94 -18.50
CA TYR A 285 -21.01 -22.49 -19.40
C TYR A 285 -19.91 -21.47 -19.62
N PHE A 286 -18.72 -21.97 -20.00
CA PHE A 286 -17.61 -21.07 -20.34
C PHE A 286 -17.96 -20.31 -21.62
N PRO A 287 -17.71 -19.00 -21.67
CA PRO A 287 -18.08 -18.22 -22.86
C PRO A 287 -17.47 -18.74 -24.16
N GLY A 288 -16.30 -19.40 -24.11
CA GLY A 288 -15.65 -19.86 -25.33
C GLY A 288 -14.95 -18.71 -26.04
N LYS A 289 -14.86 -18.83 -27.36
CA LYS A 289 -14.30 -17.73 -28.15
C LYS A 289 -15.20 -16.50 -28.04
N THR A 290 -14.65 -15.39 -27.53
CA THR A 290 -15.44 -14.27 -27.05
C THR A 290 -15.01 -12.96 -27.69
N LEU A 291 -15.99 -12.14 -28.07
CA LEU A 291 -15.78 -10.75 -28.46
C LEU A 291 -16.30 -9.85 -27.36
N VAL A 292 -15.45 -8.96 -26.85
CA VAL A 292 -15.91 -7.90 -25.94
C VAL A 292 -15.96 -6.59 -26.73
N ILE A 293 -17.13 -5.95 -26.76
CA ILE A 293 -17.32 -4.70 -27.48
C ILE A 293 -17.29 -3.58 -26.44
N GLY A 294 -16.31 -2.70 -26.56
CA GLY A 294 -16.14 -1.61 -25.62
C GLY A 294 -14.74 -1.56 -25.06
N ALA A 295 -14.48 -0.53 -24.25
CA ALA A 295 -13.11 -0.23 -23.86
C ALA A 295 -13.01 0.41 -22.49
N SER A 296 -14.10 0.45 -21.72
CA SER A 296 -14.12 0.85 -20.32
C SER A 296 -13.29 -0.11 -19.46
N TYR A 297 -13.14 0.23 -18.17
CA TYR A 297 -12.44 -0.72 -17.30
C TYR A 297 -13.22 -2.03 -17.16
N VAL A 298 -14.56 -2.00 -17.24
CA VAL A 298 -15.34 -3.23 -17.22
C VAL A 298 -14.95 -4.13 -18.39
N ALA A 299 -14.87 -3.53 -19.59
CA ALA A 299 -14.49 -4.28 -20.80
C ALA A 299 -13.13 -4.94 -20.67
N LEU A 300 -12.11 -4.18 -20.22
CA LEU A 300 -10.74 -4.69 -20.19
C LEU A 300 -10.51 -5.67 -19.03
N GLU A 301 -11.16 -5.43 -17.88
CA GLU A 301 -11.06 -6.39 -16.77
C GLU A 301 -11.63 -7.75 -17.18
N CYS A 302 -12.83 -7.75 -17.79
CA CYS A 302 -13.47 -9.02 -18.17
C CYS A 302 -12.68 -9.73 -19.27
N ALA A 303 -12.28 -9.01 -20.32
CA ALA A 303 -11.42 -9.60 -21.35
C ALA A 303 -10.14 -10.18 -20.74
N GLY A 304 -9.55 -9.46 -19.79
CA GLY A 304 -8.31 -9.92 -19.19
C GLY A 304 -8.42 -11.27 -18.51
N PHE A 305 -9.43 -11.44 -17.63
CA PHE A 305 -9.48 -12.72 -16.93
C PHE A 305 -9.96 -13.84 -17.86
N LEU A 306 -10.82 -13.54 -18.83
CA LEU A 306 -11.23 -14.58 -19.76
C LEU A 306 -10.04 -15.15 -20.53
N ALA A 307 -9.10 -14.29 -20.91
CA ALA A 307 -7.89 -14.76 -21.60
C ALA A 307 -7.01 -15.59 -20.67
N SER A 308 -6.86 -15.16 -19.41
CA SER A 308 -6.06 -15.92 -18.45
C SER A 308 -6.65 -17.29 -18.16
N LEU A 309 -7.97 -17.41 -18.18
CA LEU A 309 -8.63 -18.69 -17.94
C LEU A 309 -8.69 -19.55 -19.20
N GLY A 310 -7.94 -19.21 -20.26
CA GLY A 310 -7.81 -20.04 -21.43
C GLY A 310 -8.68 -19.68 -22.63
N GLY A 311 -9.40 -18.56 -22.59
CA GLY A 311 -10.26 -18.20 -23.70
C GLY A 311 -9.54 -17.47 -24.83
N ASP A 312 -10.13 -17.58 -26.02
CA ASP A 312 -9.72 -16.84 -27.21
C ASP A 312 -10.53 -15.54 -27.24
N VAL A 313 -9.90 -14.41 -26.90
CA VAL A 313 -10.61 -13.16 -26.61
C VAL A 313 -10.16 -12.06 -27.57
N THR A 314 -11.13 -11.32 -28.11
CA THR A 314 -10.94 -10.11 -28.88
C THR A 314 -11.71 -8.96 -28.24
N VAL A 315 -11.12 -7.77 -28.26
CA VAL A 315 -11.75 -6.54 -27.79
C VAL A 315 -11.88 -5.58 -28.97
N MET A 316 -13.11 -5.08 -29.23
CA MET A 316 -13.25 -4.17 -30.36
C MET A 316 -13.47 -2.75 -29.83
N VAL A 317 -12.54 -1.85 -30.18
CA VAL A 317 -12.37 -0.55 -29.55
C VAL A 317 -12.80 0.53 -30.53
N ARG A 318 -13.82 1.31 -30.15
CA ARG A 318 -14.32 2.38 -31.03
C ARG A 318 -13.28 3.49 -31.22
N SER A 319 -12.66 3.96 -30.13
CA SER A 319 -11.61 4.97 -30.30
C SER A 319 -10.39 4.65 -29.44
N ILE A 320 -10.47 4.94 -28.13
CA ILE A 320 -9.32 4.81 -27.24
C ILE A 320 -9.67 3.86 -26.09
N LEU A 321 -8.61 3.38 -25.40
CA LEU A 321 -8.78 2.60 -24.17
C LEU A 321 -8.95 3.50 -22.96
N LEU A 322 -9.84 3.11 -22.04
CA LEU A 322 -9.99 3.78 -20.75
C LEU A 322 -10.14 5.30 -20.88
N ARG A 323 -11.10 5.74 -21.70
CA ARG A 323 -11.35 7.17 -21.82
C ARG A 323 -11.61 7.76 -20.42
N GLY A 324 -10.95 8.88 -20.12
CA GLY A 324 -11.05 9.50 -18.80
C GLY A 324 -9.88 9.23 -17.87
N PHE A 325 -9.10 8.19 -18.12
CA PHE A 325 -7.88 7.90 -17.38
C PHE A 325 -6.66 8.44 -18.14
N ASP A 326 -5.55 8.59 -17.42
CA ASP A 326 -4.26 8.95 -18.00
C ASP A 326 -3.95 8.08 -19.21
N GLN A 327 -3.71 8.70 -20.38
CA GLN A 327 -3.62 7.90 -21.60
C GLN A 327 -2.28 7.24 -21.81
N GLN A 328 -1.19 7.75 -21.24
CA GLN A 328 0.05 6.96 -21.22
C GLN A 328 -0.16 5.65 -20.46
N MET A 329 -0.78 5.73 -19.27
CA MET A 329 -1.03 4.53 -18.47
C MET A 329 -2.00 3.57 -19.17
N ALA A 330 -3.04 4.10 -19.81
CA ALA A 330 -4.01 3.27 -20.51
C ALA A 330 -3.33 2.45 -21.61
N GLU A 331 -2.42 3.08 -22.36
CA GLU A 331 -1.74 2.37 -23.44
C GLU A 331 -0.78 1.31 -22.90
N LYS A 332 -0.15 1.57 -21.76
CA LYS A 332 0.69 0.53 -21.14
C LYS A 332 -0.17 -0.66 -20.68
N VAL A 333 -1.36 -0.38 -20.14
CA VAL A 333 -2.27 -1.45 -19.75
C VAL A 333 -2.61 -2.32 -20.96
N GLY A 334 -3.01 -1.67 -22.06
CA GLY A 334 -3.39 -2.42 -23.26
C GLY A 334 -2.23 -3.20 -23.87
N ASP A 335 -1.02 -2.63 -23.83
CA ASP A 335 0.13 -3.34 -24.39
C ASP A 335 0.44 -4.63 -23.65
N TYR A 336 0.31 -4.62 -22.31
CA TYR A 336 0.52 -5.84 -21.53
C TYR A 336 -0.52 -6.91 -21.91
N MET A 337 -1.78 -6.50 -22.05
CA MET A 337 -2.85 -7.44 -22.37
C MET A 337 -2.60 -8.08 -23.73
N GLU A 338 -2.13 -7.28 -24.70
CA GLU A 338 -1.89 -7.78 -26.05
C GLU A 338 -0.73 -8.76 -26.08
N ASN A 339 0.31 -8.53 -25.26
CA ASN A 339 1.39 -9.48 -25.17
C ASN A 339 1.04 -10.72 -24.37
N HIS A 340 -0.05 -10.71 -23.62
CA HIS A 340 -0.49 -11.88 -22.87
C HIS A 340 -1.86 -12.36 -23.37
N GLY A 341 -2.03 -12.35 -24.70
CA GLY A 341 -3.05 -13.15 -25.34
C GLY A 341 -4.42 -12.53 -25.60
N VAL A 342 -4.57 -11.21 -25.44
CA VAL A 342 -5.79 -10.51 -25.81
C VAL A 342 -5.57 -9.86 -27.17
N LYS A 343 -6.51 -10.05 -28.11
CA LYS A 343 -6.43 -9.42 -29.41
C LYS A 343 -7.32 -8.18 -29.42
N PHE A 344 -6.92 -7.15 -30.18
CA PHE A 344 -7.67 -5.91 -30.25
C PHE A 344 -8.04 -5.60 -31.70
N ALA A 345 -9.31 -5.25 -31.93
CA ALA A 345 -9.77 -4.69 -33.21
C ALA A 345 -10.01 -3.19 -32.99
N LYS A 346 -9.06 -2.38 -33.44
CA LYS A 346 -8.99 -0.98 -33.09
C LYS A 346 -9.74 -0.12 -34.11
N LEU A 347 -10.33 0.99 -33.64
CA LEU A 347 -11.12 1.92 -34.47
C LEU A 347 -12.23 1.18 -35.22
N CYS A 348 -13.08 0.47 -34.47
CA CYS A 348 -14.04 -0.46 -35.07
C CYS A 348 -15.32 -0.49 -34.25
N VAL A 349 -16.47 -0.57 -34.93
CA VAL A 349 -17.77 -0.66 -34.24
C VAL A 349 -18.59 -1.78 -34.86
N PRO A 350 -19.54 -2.33 -34.10
CA PRO A 350 -20.41 -3.38 -34.65
C PRO A 350 -21.63 -2.81 -35.37
N ASP A 351 -22.07 -3.55 -36.39
CA ASP A 351 -23.27 -3.22 -37.18
C ASP A 351 -24.42 -4.19 -36.98
N GLU A 352 -24.17 -5.48 -36.80
CA GLU A 352 -25.24 -6.43 -36.50
C GLU A 352 -24.68 -7.75 -35.98
N ILE A 353 -25.51 -8.45 -35.21
CA ILE A 353 -25.21 -9.78 -34.66
C ILE A 353 -26.23 -10.76 -35.25
N LYS A 354 -25.74 -11.79 -35.93
CA LYS A 354 -26.59 -12.83 -36.53
C LYS A 354 -26.35 -14.16 -35.82
N GLN A 355 -27.43 -14.92 -35.57
CA GLN A 355 -27.31 -16.19 -34.83
C GLN A 355 -27.08 -17.38 -35.76
N LEU A 356 -26.01 -18.12 -35.48
CA LEU A 356 -25.66 -19.35 -36.19
C LEU A 356 -26.06 -20.60 -35.43
N LYS A 357 -26.02 -20.54 -34.10
CA LYS A 357 -26.37 -21.67 -33.22
C LYS A 357 -27.01 -21.11 -31.96
N VAL A 358 -28.18 -21.67 -31.60
CA VAL A 358 -28.82 -21.38 -30.32
C VAL A 358 -27.96 -21.90 -29.16
N VAL A 359 -28.03 -21.24 -27.99
CA VAL A 359 -27.36 -21.75 -26.80
C VAL A 359 -27.85 -23.18 -26.52
N ASP A 360 -26.91 -24.09 -26.27
CA ASP A 360 -27.20 -25.52 -26.05
C ASP A 360 -27.36 -25.76 -24.55
N THR A 361 -28.62 -25.74 -24.08
CA THR A 361 -28.88 -26.06 -22.68
C THR A 361 -28.66 -27.55 -22.39
N GLU A 362 -28.85 -28.40 -23.40
CA GLU A 362 -28.73 -29.85 -23.21
C GLU A 362 -27.31 -30.22 -22.78
N ASN A 363 -26.32 -29.69 -23.48
CA ASN A 363 -24.93 -30.06 -23.26
C ASN A 363 -24.15 -28.98 -22.51
N ASN A 364 -24.83 -27.93 -22.02
CA ASN A 364 -24.20 -26.81 -21.29
C ASN A 364 -23.05 -26.18 -22.08
N LYS A 365 -23.41 -25.56 -23.21
CA LYS A 365 -22.46 -25.03 -24.17
C LYS A 365 -23.02 -23.74 -24.77
N PRO A 366 -22.15 -22.76 -25.08
CA PRO A 366 -22.61 -21.54 -25.75
C PRO A 366 -23.15 -21.82 -27.14
N GLY A 367 -23.76 -20.80 -27.73
CA GLY A 367 -24.17 -20.81 -29.13
C GLY A 367 -23.03 -20.42 -30.05
N LEU A 368 -23.38 -19.78 -31.16
CA LEU A 368 -22.42 -19.32 -32.16
C LEU A 368 -23.04 -18.17 -32.92
N LEU A 369 -22.25 -17.09 -33.13
CA LEU A 369 -22.76 -15.82 -33.63
C LEU A 369 -21.86 -15.31 -34.75
N LEU A 370 -22.44 -14.65 -35.76
CA LEU A 370 -21.68 -13.91 -36.75
C LEU A 370 -21.75 -12.42 -36.41
N VAL A 371 -20.60 -11.77 -36.27
CA VAL A 371 -20.56 -10.35 -35.95
C VAL A 371 -20.08 -9.58 -37.17
N LYS A 372 -20.87 -8.62 -37.63
CA LYS A 372 -20.47 -7.75 -38.72
C LYS A 372 -20.27 -6.33 -38.20
N GLY A 373 -19.18 -5.68 -38.62
CA GLY A 373 -18.94 -4.30 -38.27
C GLY A 373 -18.11 -3.58 -39.31
N HIS A 374 -17.56 -2.40 -38.97
CA HIS A 374 -16.69 -1.69 -39.90
C HIS A 374 -15.72 -0.79 -39.15
N TYR A 375 -14.52 -0.64 -39.74
CA TYR A 375 -13.48 0.26 -39.28
C TYR A 375 -13.78 1.69 -39.74
N THR A 376 -13.11 2.66 -39.10
CA THR A 376 -13.42 4.06 -39.40
C THR A 376 -13.07 4.44 -40.84
N ASP A 377 -12.18 3.70 -41.48
CA ASP A 377 -11.91 3.95 -42.89
C ASP A 377 -12.92 3.27 -43.82
N GLY A 378 -13.93 2.57 -43.29
CA GLY A 378 -14.93 1.91 -44.09
C GLY A 378 -14.69 0.45 -44.40
N LYS A 379 -13.49 -0.07 -44.14
CA LYS A 379 -13.25 -1.50 -44.32
C LYS A 379 -14.18 -2.32 -43.41
N LYS A 380 -14.45 -3.54 -43.82
CA LYS A 380 -15.44 -4.35 -43.12
C LYS A 380 -14.80 -5.27 -42.10
N PHE A 381 -15.58 -5.58 -41.06
CA PHE A 381 -15.23 -6.56 -40.04
C PHE A 381 -16.26 -7.69 -40.11
N GLU A 382 -15.80 -8.94 -40.17
CA GLU A 382 -16.71 -10.08 -40.13
C GLU A 382 -16.02 -11.28 -39.53
N GLU A 383 -16.53 -11.80 -38.40
CA GLU A 383 -15.91 -12.92 -37.71
C GLU A 383 -16.93 -13.61 -36.82
N GLU A 384 -16.71 -14.90 -36.55
CA GLU A 384 -17.60 -15.72 -35.73
C GLU A 384 -17.08 -15.82 -34.30
N PHE A 385 -18.00 -15.78 -33.32
CA PHE A 385 -17.68 -15.86 -31.89
C PHE A 385 -18.75 -16.69 -31.20
N GLU A 386 -18.37 -17.42 -30.13
CA GLU A 386 -19.38 -18.15 -29.37
C GLU A 386 -20.18 -17.22 -28.44
N THR A 387 -19.54 -16.20 -27.87
CA THR A 387 -20.15 -15.25 -26.94
C THR A 387 -19.77 -13.82 -27.34
N VAL A 388 -20.73 -12.89 -27.28
CA VAL A 388 -20.50 -11.47 -27.51
C VAL A 388 -20.94 -10.71 -26.26
N ILE A 389 -20.02 -9.96 -25.65
CA ILE A 389 -20.28 -9.20 -24.41
C ILE A 389 -20.25 -7.72 -24.72
N PHE A 390 -21.34 -7.02 -24.39
CA PHE A 390 -21.41 -5.58 -24.56
C PHE A 390 -21.01 -4.89 -23.26
N ALA A 391 -19.97 -4.04 -23.34
CA ALA A 391 -19.51 -3.21 -22.23
C ALA A 391 -19.32 -1.80 -22.78
N VAL A 392 -20.45 -1.13 -23.11
CA VAL A 392 -20.44 0.15 -23.81
C VAL A 392 -21.06 1.23 -22.92
N GLY A 393 -20.96 1.05 -21.60
CA GLY A 393 -21.43 2.03 -20.64
C GLY A 393 -22.65 1.55 -19.85
N ARG A 394 -23.02 2.36 -18.86
CA ARG A 394 -24.11 2.08 -17.94
C ARG A 394 -24.96 3.34 -17.77
N GLU A 395 -26.25 3.18 -17.50
CA GLU A 395 -27.13 4.34 -17.40
C GLU A 395 -28.18 4.12 -16.32
N PRO A 396 -28.69 5.18 -15.71
CA PRO A 396 -29.87 5.02 -14.85
C PRO A 396 -31.10 5.06 -15.73
N GLN A 397 -32.21 4.67 -15.17
CA GLN A 397 -33.49 4.80 -15.87
C GLN A 397 -34.48 5.43 -14.89
N LEU A 398 -34.19 6.69 -14.51
CA LEU A 398 -34.95 7.35 -13.44
C LEU A 398 -36.37 7.70 -13.85
N SER A 399 -36.68 7.69 -15.16
CA SER A 399 -38.07 7.87 -15.58
C SER A 399 -38.97 6.81 -14.97
N LYS A 400 -38.41 5.64 -14.66
CA LYS A 400 -39.18 4.55 -14.07
C LYS A 400 -39.34 4.74 -12.57
N VAL A 401 -38.33 5.36 -11.93
CA VAL A 401 -38.25 5.51 -10.48
C VAL A 401 -39.03 6.72 -9.96
N LEU A 402 -39.35 7.67 -10.84
CA LEU A 402 -39.53 9.04 -10.39
C LEU A 402 -40.49 9.74 -11.34
N CYS A 403 -41.69 10.06 -10.87
CA CYS A 403 -42.65 10.82 -11.66
C CYS A 403 -42.13 12.24 -11.92
N GLU A 404 -42.26 12.69 -13.18
CA GLU A 404 -41.83 14.04 -13.57
C GLU A 404 -42.45 15.13 -12.68
N THR A 405 -43.68 14.89 -12.19
CA THR A 405 -44.39 15.94 -11.47
C THR A 405 -43.86 16.18 -10.06
N VAL A 406 -42.99 15.30 -9.54
CA VAL A 406 -42.42 15.52 -8.23
C VAL A 406 -41.51 16.75 -8.22
N GLY A 407 -40.82 17.05 -9.32
CA GLY A 407 -39.96 18.22 -9.40
C GLY A 407 -38.48 17.98 -9.14
N VAL A 408 -38.03 16.72 -9.15
CA VAL A 408 -36.61 16.40 -8.96
C VAL A 408 -35.87 16.65 -10.27
N LYS A 409 -34.85 17.53 -10.22
CA LYS A 409 -34.13 17.94 -11.42
C LYS A 409 -33.10 16.91 -11.86
N LEU A 410 -33.10 16.58 -13.16
CA LEU A 410 -32.12 15.68 -13.76
C LEU A 410 -31.28 16.45 -14.76
N ASP A 411 -30.04 15.98 -14.98
CA ASP A 411 -29.13 16.62 -15.93
C ASP A 411 -29.31 16.00 -17.32
N LYS A 412 -28.45 16.38 -18.27
CA LYS A 412 -28.67 15.92 -19.64
C LYS A 412 -28.44 14.41 -19.81
N ASN A 413 -27.73 13.76 -18.88
CA ASN A 413 -27.56 12.32 -18.95
C ASN A 413 -28.53 11.56 -18.05
N GLY A 414 -29.49 12.24 -17.44
CA GLY A 414 -30.48 11.57 -16.63
C GLY A 414 -30.06 11.26 -15.21
N ARG A 415 -29.03 11.91 -14.68
CA ARG A 415 -28.62 11.75 -13.29
C ARG A 415 -29.13 12.93 -12.45
N VAL A 416 -29.22 12.71 -11.14
CA VAL A 416 -29.87 13.67 -10.24
C VAL A 416 -28.91 14.81 -9.89
N VAL A 417 -29.38 16.06 -10.05
CA VAL A 417 -28.58 17.25 -9.72
C VAL A 417 -28.73 17.53 -8.23
N CYS A 418 -27.64 17.46 -7.47
CA CYS A 418 -27.67 17.62 -6.02
C CYS A 418 -26.73 18.72 -5.56
N THR A 419 -27.04 19.31 -4.39
CA THR A 419 -26.08 20.17 -3.73
C THR A 419 -25.07 19.32 -2.96
N ASP A 420 -24.12 19.98 -2.29
CA ASP A 420 -22.98 19.28 -1.70
C ASP A 420 -23.33 18.52 -0.43
N ASP A 421 -24.61 18.51 -0.06
CA ASP A 421 -25.16 17.69 1.02
C ASP A 421 -26.11 16.62 0.50
N GLU A 422 -26.03 16.31 -0.80
CA GLU A 422 -26.82 15.31 -1.53
C GLU A 422 -28.30 15.67 -1.64
N GLN A 423 -28.70 16.90 -1.33
CA GLN A 423 -30.11 17.29 -1.45
C GLN A 423 -30.50 17.58 -2.90
N THR A 424 -31.68 17.07 -3.29
CA THR A 424 -32.20 17.31 -4.64
C THR A 424 -32.92 18.67 -4.65
N THR A 425 -33.58 19.00 -5.77
CA THR A 425 -34.39 20.23 -5.81
C THR A 425 -35.69 20.11 -5.00
N VAL A 426 -35.96 18.96 -4.39
CA VAL A 426 -37.11 18.77 -3.51
C VAL A 426 -36.56 18.54 -2.10
N SER A 427 -37.01 19.35 -1.14
CA SER A 427 -36.22 19.58 0.07
C SER A 427 -36.06 18.33 0.94
N ASN A 428 -37.01 17.39 0.90
CA ASN A 428 -36.93 16.19 1.75
C ASN A 428 -36.34 14.98 1.04
N VAL A 429 -35.93 15.13 -0.23
CA VAL A 429 -35.48 14.03 -1.08
C VAL A 429 -34.00 14.20 -1.38
N TYR A 430 -33.23 13.11 -1.24
CA TYR A 430 -31.77 13.12 -1.40
C TYR A 430 -31.38 12.02 -2.40
N ALA A 431 -30.16 12.11 -2.93
CA ALA A 431 -29.69 11.08 -3.86
C ALA A 431 -28.23 10.76 -3.60
N ILE A 432 -27.88 9.47 -3.67
CA ILE A 432 -26.53 8.99 -3.38
C ILE A 432 -26.12 7.92 -4.39
N GLY A 433 -24.81 7.67 -4.47
CA GLY A 433 -24.30 6.62 -5.35
C GLY A 433 -24.21 7.04 -6.81
N ASP A 434 -24.29 6.03 -7.70
CA ASP A 434 -24.02 6.26 -9.12
C ASP A 434 -24.97 7.28 -9.77
N ILE A 435 -26.19 7.46 -9.23
CA ILE A 435 -27.15 8.39 -9.87
C ILE A 435 -26.95 9.84 -9.46
N ASN A 436 -26.04 10.13 -8.54
CA ASN A 436 -25.71 11.51 -8.15
C ASN A 436 -24.78 12.11 -9.22
N ALA A 437 -25.28 13.13 -9.95
CA ALA A 437 -24.56 13.64 -11.11
C ALA A 437 -23.19 14.19 -10.74
N GLY A 438 -22.18 13.86 -11.56
CA GLY A 438 -20.85 14.43 -11.41
C GLY A 438 -19.94 13.78 -10.39
N LYS A 439 -20.42 12.79 -9.60
CA LYS A 439 -19.59 12.16 -8.57
C LYS A 439 -18.91 10.89 -9.08
N PRO A 440 -17.76 10.51 -8.50
CA PRO A 440 -17.11 9.26 -8.90
C PRO A 440 -18.04 8.10 -8.61
N GLN A 441 -18.15 7.18 -9.57
CA GLN A 441 -19.10 6.07 -9.49
C GLN A 441 -18.41 4.82 -8.92
N LEU A 442 -18.28 4.79 -7.59
CA LEU A 442 -17.51 3.76 -6.90
C LEU A 442 -18.22 3.36 -5.61
N THR A 443 -18.01 2.09 -5.19
CA THR A 443 -18.74 1.59 -4.02
C THR A 443 -18.35 2.30 -2.73
N PRO A 444 -17.07 2.53 -2.40
CA PRO A 444 -16.77 3.23 -1.14
C PRO A 444 -17.22 4.68 -1.13
N VAL A 445 -17.38 5.32 -2.30
CA VAL A 445 -17.97 6.66 -2.35
C VAL A 445 -19.45 6.62 -1.96
N ALA A 446 -20.20 5.68 -2.54
CA ALA A 446 -21.62 5.53 -2.19
C ALA A 446 -21.82 5.19 -0.72
N ILE A 447 -20.95 4.35 -0.16
CA ILE A 447 -21.06 3.98 1.26
C ILE A 447 -20.79 5.19 2.16
N GLN A 448 -19.72 5.94 1.88
CA GLN A 448 -19.42 7.11 2.69
C GLN A 448 -20.53 8.16 2.57
N ALA A 449 -21.04 8.37 1.35
CA ALA A 449 -22.10 9.36 1.16
C ALA A 449 -23.35 8.98 1.95
N GLY A 450 -23.75 7.72 1.85
CA GLY A 450 -24.94 7.27 2.56
C GLY A 450 -24.81 7.34 4.08
N ARG A 451 -23.68 6.89 4.62
CA ARG A 451 -23.50 6.95 6.08
C ARG A 451 -23.45 8.37 6.58
N TYR A 452 -22.67 9.23 5.92
CA TYR A 452 -22.53 10.60 6.40
C TYR A 452 -23.85 11.35 6.30
N LEU A 453 -24.65 11.07 5.25
CA LEU A 453 -25.95 11.71 5.11
C LEU A 453 -26.89 11.29 6.23
N ALA A 454 -26.93 9.99 6.53
CA ALA A 454 -27.77 9.52 7.61
C ALA A 454 -27.45 10.23 8.93
N ARG A 455 -26.17 10.46 9.20
CA ARG A 455 -25.81 11.16 10.44
C ARG A 455 -26.23 12.63 10.43
N ARG A 456 -26.16 13.29 9.28
CA ARG A 456 -26.63 14.68 9.24
C ARG A 456 -28.14 14.76 9.44
N LEU A 457 -28.90 13.84 8.85
CA LEU A 457 -30.37 13.90 8.95
C LEU A 457 -30.85 13.54 10.35
N PHE A 458 -30.25 12.55 10.98
CA PHE A 458 -30.85 11.98 12.17
C PHE A 458 -29.99 12.10 13.43
N ALA A 459 -28.77 12.64 13.34
CA ALA A 459 -27.95 12.83 14.54
C ALA A 459 -27.29 14.21 14.64
N GLY A 460 -27.71 15.18 13.84
CA GLY A 460 -27.17 16.52 13.94
C GLY A 460 -25.74 16.69 13.47
N ALA A 461 -25.18 15.71 12.76
CA ALA A 461 -23.83 15.87 12.25
C ALA A 461 -23.80 16.99 11.21
N THR A 462 -22.59 17.52 10.98
CA THR A 462 -22.39 18.49 9.90
C THR A 462 -21.38 18.05 8.84
N GLU A 463 -20.66 16.95 9.07
CA GLU A 463 -19.61 16.53 8.13
C GLU A 463 -20.16 16.18 6.76
N LEU A 464 -19.58 16.76 5.72
CA LEU A 464 -19.93 16.42 4.35
C LEU A 464 -18.96 15.36 3.80
N THR A 465 -19.38 14.70 2.72
CA THR A 465 -18.51 13.77 1.99
C THR A 465 -17.55 14.57 1.10
N ASP A 466 -16.27 14.21 1.13
CA ASP A 466 -15.27 14.84 0.27
C ASP A 466 -15.08 13.95 -0.95
N TYR A 467 -15.49 14.44 -2.12
CA TYR A 467 -15.42 13.69 -3.37
C TYR A 467 -14.15 13.94 -4.20
N SER A 468 -13.18 14.70 -3.69
CA SER A 468 -12.00 15.05 -4.46
C SER A 468 -10.85 14.06 -4.22
N ASN A 469 -10.06 13.82 -5.27
CA ASN A 469 -8.86 12.96 -5.18
C ASN A 469 -9.20 11.55 -4.68
N VAL A 470 -10.31 10.98 -5.15
CA VAL A 470 -10.69 9.62 -4.75
C VAL A 470 -9.87 8.62 -5.56
N ALA A 471 -9.12 7.75 -4.88
CA ALA A 471 -8.24 6.84 -5.62
C ALA A 471 -9.05 5.73 -6.30
N THR A 472 -8.47 5.16 -7.37
CA THR A 472 -9.09 4.08 -8.15
C THR A 472 -8.09 2.95 -8.39
N THR A 473 -8.59 1.76 -8.72
CA THR A 473 -7.71 0.72 -9.26
C THR A 473 -8.45 -0.06 -10.33
N VAL A 474 -7.81 -0.27 -11.47
CA VAL A 474 -8.33 -1.07 -12.59
C VAL A 474 -7.69 -2.44 -12.49
N PHE A 475 -8.52 -3.47 -12.30
CA PHE A 475 -8.01 -4.81 -12.06
C PHE A 475 -7.82 -5.62 -13.36
N THR A 476 -7.07 -5.02 -14.32
CA THR A 476 -6.57 -5.71 -15.50
C THR A 476 -5.46 -6.71 -15.12
N PRO A 477 -5.07 -7.63 -16.05
CA PRO A 477 -4.03 -8.64 -15.72
C PRO A 477 -2.80 -8.07 -15.02
N LEU A 478 -2.26 -6.97 -15.52
CA LEU A 478 -1.35 -6.12 -14.74
C LEU A 478 -2.17 -4.90 -14.28
N GLU A 479 -2.31 -4.73 -12.96
CA GLU A 479 -3.22 -3.75 -12.37
C GLU A 479 -2.68 -2.32 -12.45
N TYR A 480 -3.61 -1.36 -12.45
CA TYR A 480 -3.30 0.07 -12.61
C TYR A 480 -4.01 0.86 -11.50
N GLY A 481 -3.23 1.43 -10.57
CA GLY A 481 -3.75 2.27 -9.50
C GLY A 481 -3.45 3.74 -9.75
N ALA A 482 -4.38 4.62 -9.35
CA ALA A 482 -4.25 6.06 -9.56
C ALA A 482 -4.90 6.84 -8.43
N CYS A 483 -4.35 8.03 -8.13
CA CYS A 483 -4.96 8.97 -7.19
C CYS A 483 -4.63 10.38 -7.66
N GLY A 484 -5.65 11.15 -8.06
CA GLY A 484 -5.46 12.52 -8.51
C GLY A 484 -5.53 12.73 -10.01
N LEU A 485 -4.83 13.76 -10.51
CA LEU A 485 -4.95 14.14 -11.92
C LEU A 485 -4.11 13.25 -12.84
N SER A 486 -4.64 13.00 -14.03
CA SER A 486 -3.80 12.52 -15.11
C SER A 486 -2.79 13.58 -15.52
N GLU A 487 -1.70 13.13 -16.16
CA GLU A 487 -0.68 14.06 -16.61
C GLU A 487 -1.27 15.09 -17.59
N GLU A 488 -2.12 14.66 -18.52
CA GLU A 488 -2.64 15.60 -19.51
C GLU A 488 -3.62 16.61 -18.89
N ASP A 489 -4.45 16.20 -17.90
CA ASP A 489 -5.29 17.16 -17.20
C ASP A 489 -4.47 18.17 -16.39
N ALA A 490 -3.34 17.74 -15.81
CA ALA A 490 -2.52 18.68 -15.04
C ALA A 490 -1.90 19.73 -15.95
N ILE A 491 -1.40 19.31 -17.11
CA ILE A 491 -0.82 20.25 -18.06
C ILE A 491 -1.88 21.20 -18.60
N GLU A 492 -3.09 20.69 -18.85
CA GLU A 492 -4.17 21.54 -19.33
C GLU A 492 -4.53 22.61 -18.31
N LYS A 493 -4.58 22.24 -17.03
CA LYS A 493 -5.00 23.16 -15.98
C LYS A 493 -3.94 24.21 -15.65
N TYR A 494 -2.66 23.82 -15.59
CA TYR A 494 -1.60 24.69 -15.08
C TYR A 494 -0.55 25.06 -16.12
N GLY A 495 -0.52 24.40 -17.28
CA GLY A 495 0.48 24.68 -18.28
C GLY A 495 1.72 23.81 -18.16
N ASP A 496 2.30 23.46 -19.30
CA ASP A 496 3.45 22.56 -19.32
C ASP A 496 4.61 23.10 -18.49
N LYS A 497 4.80 24.41 -18.48
CA LYS A 497 5.92 25.02 -17.76
C LYS A 497 5.83 24.79 -16.25
N ASP A 498 4.63 24.73 -15.70
CA ASP A 498 4.44 24.57 -14.26
C ASP A 498 4.30 23.11 -13.81
N ILE A 499 4.53 22.14 -14.69
CA ILE A 499 4.36 20.72 -14.35
C ILE A 499 5.70 20.01 -14.47
N GLU A 500 6.07 19.26 -13.43
CA GLU A 500 7.25 18.40 -13.41
C GLU A 500 6.80 16.96 -13.14
N VAL A 501 7.31 16.00 -13.92
CA VAL A 501 6.90 14.60 -13.78
C VAL A 501 8.14 13.76 -13.48
N TYR A 502 8.10 13.05 -12.34
CA TYR A 502 9.13 12.09 -11.95
C TYR A 502 8.62 10.69 -12.28
N HIS A 503 9.48 9.84 -12.85
CA HIS A 503 8.97 8.52 -13.22
C HIS A 503 10.09 7.48 -13.16
N SER A 504 9.70 6.20 -13.12
CA SER A 504 10.65 5.07 -13.12
C SER A 504 9.95 3.78 -13.53
N ASN A 505 10.65 2.93 -14.28
CA ASN A 505 10.25 1.52 -14.34
C ASN A 505 10.68 0.80 -13.07
N PHE A 506 10.14 -0.41 -12.87
CA PHE A 506 10.63 -1.27 -11.80
C PHE A 506 10.32 -2.72 -12.13
N LYS A 507 10.95 -3.64 -11.40
CA LYS A 507 10.70 -5.08 -11.54
C LYS A 507 10.39 -5.65 -10.16
N PRO A 508 9.22 -6.25 -9.96
CA PRO A 508 8.96 -6.95 -8.69
C PRO A 508 10.00 -8.04 -8.43
N LEU A 509 10.45 -8.16 -7.18
CA LEU A 509 11.44 -9.20 -6.86
C LEU A 509 10.91 -10.59 -7.19
N GLU A 510 9.61 -10.82 -6.96
CA GLU A 510 8.96 -12.09 -7.30
C GLU A 510 9.08 -12.45 -8.78
N TRP A 511 9.32 -11.47 -9.64
CA TRP A 511 9.43 -11.69 -11.07
C TRP A 511 10.84 -12.12 -11.52
N THR A 512 11.85 -12.02 -10.65
CA THR A 512 13.22 -12.30 -11.09
C THR A 512 13.45 -13.79 -11.32
N VAL A 513 13.25 -14.61 -10.28
CA VAL A 513 13.42 -16.06 -10.41
C VAL A 513 12.40 -16.67 -11.37
N ALA A 514 11.23 -16.03 -11.53
CA ALA A 514 10.21 -16.49 -12.48
C ALA A 514 10.48 -16.07 -13.91
N HIS A 515 11.55 -15.31 -14.17
CA HIS A 515 11.94 -14.90 -15.53
C HIS A 515 10.84 -14.10 -16.24
N ARG A 516 10.19 -13.17 -15.53
CA ARG A 516 9.22 -12.28 -16.16
C ARG A 516 9.91 -10.98 -16.60
N GLU A 517 9.14 -10.01 -17.08
CA GLU A 517 9.67 -8.87 -17.84
C GLU A 517 10.41 -7.83 -16.99
N ASP A 518 11.48 -7.25 -17.55
CA ASP A 518 12.34 -6.33 -16.77
C ASP A 518 11.78 -4.92 -16.62
N ASN A 519 11.18 -4.36 -17.68
CA ASN A 519 10.82 -2.94 -17.65
C ASN A 519 9.39 -2.68 -18.12
N VAL A 520 8.43 -3.47 -17.66
CA VAL A 520 7.01 -3.25 -17.96
C VAL A 520 6.30 -2.47 -16.85
N CYS A 521 6.52 -2.84 -15.59
CA CYS A 521 5.95 -2.07 -14.49
C CYS A 521 6.54 -0.66 -14.49
N TYR A 522 5.73 0.31 -14.03
CA TYR A 522 5.98 1.73 -14.23
C TYR A 522 5.24 2.55 -13.19
N MET A 523 5.86 3.64 -12.69
CA MET A 523 5.14 4.58 -11.82
C MET A 523 5.59 6.00 -12.11
N LYS A 524 4.73 6.97 -11.76
CA LYS A 524 5.07 8.38 -11.96
C LYS A 524 4.35 9.24 -10.94
N LEU A 525 4.94 10.41 -10.63
CA LEU A 525 4.31 11.44 -9.80
C LEU A 525 4.22 12.72 -10.63
N VAL A 526 3.01 13.27 -10.74
CA VAL A 526 2.78 14.50 -11.51
C VAL A 526 2.67 15.65 -10.52
N CYS A 527 3.60 16.63 -10.60
CA CYS A 527 3.75 17.65 -9.56
C CYS A 527 3.69 19.07 -10.13
N ARG A 528 3.34 20.03 -9.27
CA ARG A 528 3.21 21.44 -9.64
C ARG A 528 4.39 22.24 -9.09
N LYS A 529 5.26 22.71 -9.98
CA LYS A 529 6.48 23.41 -9.55
C LYS A 529 6.17 24.61 -8.65
N SER A 530 5.25 25.48 -9.06
CA SER A 530 5.04 26.70 -8.30
C SER A 530 4.31 26.49 -6.98
N ASP A 531 3.91 25.27 -6.63
CA ASP A 531 3.25 25.08 -5.34
C ASP A 531 4.05 24.07 -4.51
N ASN A 532 5.33 24.39 -4.28
CA ASN A 532 6.25 23.54 -3.50
C ASN A 532 6.34 22.11 -4.04
N MET A 533 6.23 21.91 -5.36
CA MET A 533 6.23 20.56 -5.93
C MET A 533 5.13 19.69 -5.33
N ARG A 534 3.93 20.26 -5.19
CA ARG A 534 2.76 19.52 -4.73
C ARG A 534 2.48 18.32 -5.64
N VAL A 535 2.14 17.17 -5.05
CA VAL A 535 1.76 16.00 -5.83
C VAL A 535 0.32 16.17 -6.30
N LEU A 536 0.15 16.32 -7.62
CA LEU A 536 -1.16 16.44 -8.25
C LEU A 536 -1.76 15.10 -8.62
N GLY A 537 -0.94 14.12 -9.02
CA GLY A 537 -1.44 12.80 -9.33
C GLY A 537 -0.38 11.73 -9.22
N LEU A 538 -0.81 10.55 -8.76
CA LEU A 538 0.05 9.39 -8.56
C LEU A 538 -0.48 8.24 -9.42
N HIS A 539 0.41 7.51 -10.10
CA HIS A 539 0.05 6.46 -11.05
C HIS A 539 0.98 5.27 -10.88
N VAL A 540 0.45 4.05 -10.83
CA VAL A 540 1.31 2.87 -10.74
C VAL A 540 0.70 1.69 -11.52
N LEU A 541 1.53 1.06 -12.35
CA LEU A 541 1.20 -0.17 -13.08
C LEU A 541 2.07 -1.30 -12.52
N GLY A 542 1.45 -2.31 -11.91
CA GLY A 542 2.17 -3.41 -11.31
C GLY A 542 1.27 -4.31 -10.47
N PRO A 543 1.82 -5.39 -9.92
CA PRO A 543 0.99 -6.27 -9.07
C PRO A 543 0.56 -5.57 -7.80
N ASN A 544 -0.63 -5.94 -7.33
CA ASN A 544 -1.16 -5.45 -6.06
C ASN A 544 -1.30 -3.93 -6.06
N ALA A 545 -1.70 -3.37 -7.22
CA ALA A 545 -1.69 -1.90 -7.38
C ALA A 545 -2.64 -1.20 -6.43
N GLY A 546 -3.76 -1.85 -6.06
CA GLY A 546 -4.67 -1.22 -5.12
C GLY A 546 -4.12 -1.16 -3.71
N GLU A 547 -3.40 -2.21 -3.28
CA GLU A 547 -2.75 -2.15 -1.96
C GLU A 547 -1.64 -1.09 -1.95
N ILE A 548 -0.90 -0.96 -3.04
CA ILE A 548 0.15 0.06 -3.14
C ILE A 548 -0.43 1.47 -3.03
N THR A 549 -1.51 1.74 -3.78
CA THR A 549 -2.03 3.10 -3.94
C THR A 549 -2.74 3.60 -2.68
N GLN A 550 -3.47 2.73 -1.97
CA GLN A 550 -4.41 3.19 -0.94
C GLN A 550 -3.77 4.13 0.08
N GLY A 551 -2.64 3.73 0.65
CA GLY A 551 -2.04 4.53 1.72
C GLY A 551 -1.64 5.92 1.26
N TYR A 552 -1.14 6.04 0.02
CA TYR A 552 -0.78 7.36 -0.49
C TYR A 552 -1.99 8.29 -0.67
N ALA A 553 -3.22 7.75 -0.78
CA ALA A 553 -4.40 8.61 -0.91
C ALA A 553 -4.60 9.49 0.33
N VAL A 554 -4.21 9.00 1.51
CA VAL A 554 -4.21 9.82 2.72
C VAL A 554 -3.20 10.96 2.61
N ALA A 555 -1.98 10.66 2.18
CA ALA A 555 -0.97 11.72 2.12
C ALA A 555 -1.33 12.77 1.07
N ILE A 556 -1.91 12.34 -0.06
CA ILE A 556 -2.36 13.30 -1.06
C ILE A 556 -3.52 14.15 -0.53
N LYS A 557 -4.44 13.55 0.21
CA LYS A 557 -5.52 14.34 0.83
C LYS A 557 -4.96 15.44 1.75
N MET A 558 -3.86 15.14 2.46
CA MET A 558 -3.19 16.12 3.30
C MET A 558 -2.26 17.07 2.57
N GLY A 559 -2.18 17.03 1.24
CA GLY A 559 -1.33 17.97 0.51
C GLY A 559 0.14 17.59 0.38
N ALA A 560 0.44 16.30 0.22
CA ALA A 560 1.84 15.87 0.11
C ALA A 560 2.56 16.57 -1.05
N THR A 561 3.83 16.87 -0.82
CA THR A 561 4.77 17.39 -1.82
C THR A 561 5.79 16.32 -2.17
N LYS A 562 6.56 16.58 -3.24
CA LYS A 562 7.64 15.66 -3.59
C LYS A 562 8.63 15.52 -2.44
N ALA A 563 8.84 16.59 -1.66
CA ALA A 563 9.75 16.51 -0.53
C ALA A 563 9.24 15.57 0.55
N ASP A 564 7.91 15.47 0.73
CA ASP A 564 7.36 14.53 1.72
C ASP A 564 7.65 13.09 1.31
N PHE A 565 7.57 12.78 0.01
CA PHE A 565 7.94 11.45 -0.47
C PHE A 565 9.43 11.18 -0.29
N ASP A 566 10.30 12.19 -0.55
CA ASP A 566 11.74 11.97 -0.45
C ASP A 566 12.19 11.74 0.99
N ARG A 567 11.58 12.42 1.96
CA ARG A 567 12.07 12.29 3.33
C ARG A 567 11.57 11.00 4.00
N THR A 568 10.53 10.38 3.44
CA THR A 568 10.03 9.09 3.90
C THR A 568 10.95 7.95 3.43
N ILE A 569 11.21 6.99 4.32
CA ILE A 569 12.12 5.87 4.05
C ILE A 569 11.33 4.68 3.50
N GLY A 570 11.89 4.00 2.51
CA GLY A 570 11.21 2.85 1.95
C GLY A 570 11.26 1.61 2.83
N ILE A 571 10.32 0.70 2.53
CA ILE A 571 10.28 -0.66 3.09
C ILE A 571 10.82 -1.60 2.03
N HIS A 572 11.82 -2.41 2.37
CA HIS A 572 12.51 -3.26 1.41
C HIS A 572 12.37 -4.74 1.79
N PRO A 573 12.16 -5.65 0.82
CA PRO A 573 11.92 -5.44 -0.61
C PRO A 573 10.43 -5.37 -0.94
N THR A 574 9.95 -4.24 -1.48
CA THR A 574 8.58 -4.07 -1.94
C THR A 574 8.58 -3.38 -3.30
N CYS A 575 7.44 -3.45 -3.98
CA CYS A 575 7.24 -2.57 -5.14
C CYS A 575 7.00 -1.13 -4.69
N SER A 576 6.20 -0.95 -3.62
CA SER A 576 5.76 0.40 -3.27
C SER A 576 6.91 1.34 -2.93
N GLU A 577 8.04 0.79 -2.39
CA GLU A 577 9.15 1.64 -1.97
C GLU A 577 9.74 2.47 -3.11
N THR A 578 9.53 2.06 -4.35
CA THR A 578 10.09 2.82 -5.48
C THR A 578 9.57 4.27 -5.50
N PHE A 579 8.38 4.53 -4.94
CA PHE A 579 7.89 5.91 -4.83
C PHE A 579 8.74 6.79 -3.90
N THR A 580 9.53 6.21 -2.98
CA THR A 580 10.29 7.02 -2.02
C THR A 580 11.63 7.52 -2.56
N THR A 581 12.06 7.06 -3.74
CA THR A 581 13.38 7.41 -4.27
C THR A 581 13.33 7.87 -5.73
N LEU A 582 12.18 8.32 -6.23
CA LEU A 582 12.11 8.74 -7.62
C LEU A 582 12.96 9.98 -7.87
N HIS A 583 13.65 10.01 -9.01
CA HIS A 583 14.52 11.15 -9.31
C HIS A 583 14.59 11.56 -10.79
N VAL A 584 14.28 10.67 -11.74
CA VAL A 584 14.36 11.00 -13.17
C VAL A 584 13.12 11.82 -13.56
N THR A 585 13.33 13.02 -14.12
CA THR A 585 12.22 13.81 -14.63
C THR A 585 12.01 13.57 -16.12
N LYS A 586 10.77 13.74 -16.58
CA LYS A 586 10.53 13.62 -18.02
C LYS A 586 11.23 14.73 -18.80
N LYS A 587 11.29 15.96 -18.25
CA LYS A 587 11.98 17.04 -18.96
C LYS A 587 13.47 16.79 -19.18
N SER A 588 14.11 15.96 -18.35
CA SER A 588 15.52 15.66 -18.54
C SER A 588 15.78 14.75 -19.73
N GLY A 589 14.78 14.02 -20.20
CA GLY A 589 15.00 13.07 -21.27
C GLY A 589 15.75 11.82 -20.88
N VAL A 590 16.16 11.69 -19.61
CA VAL A 590 16.87 10.50 -19.14
C VAL A 590 15.93 9.30 -19.12
N SER A 591 16.45 8.14 -19.49
CA SER A 591 15.62 6.93 -19.57
C SER A 591 15.09 6.53 -18.19
N PRO A 592 13.83 6.08 -18.10
CA PRO A 592 13.31 5.59 -16.82
C PRO A 592 13.62 4.12 -16.53
N ILE A 593 14.27 3.39 -17.43
CA ILE A 593 14.55 1.99 -17.17
C ILE A 593 15.59 1.84 -16.05
N VAL A 594 15.55 0.71 -15.36
CA VAL A 594 16.48 0.47 -14.26
C VAL A 594 17.30 -0.79 -14.51
N GLY B 7 24.96 29.85 10.53
CA GLY B 7 25.03 31.04 9.70
C GLY B 7 25.43 30.70 8.28
N THR B 8 25.26 31.67 7.38
CA THR B 8 25.66 31.47 6.00
C THR B 8 27.17 31.30 5.87
N SER B 9 27.94 32.06 6.64
CA SER B 9 29.39 32.05 6.43
C SER B 9 30.02 30.76 6.93
N GLN B 10 29.44 30.10 7.93
CA GLN B 10 30.03 28.83 8.32
C GLN B 10 29.64 27.70 7.37
N TRP B 11 28.44 27.73 6.80
CA TRP B 11 28.11 26.77 5.74
C TRP B 11 29.07 26.88 4.57
N LEU B 12 29.34 28.11 4.11
CA LEU B 12 30.23 28.28 2.96
C LEU B 12 31.64 27.79 3.26
N ARG B 13 32.15 28.11 4.46
CA ARG B 13 33.51 27.69 4.80
C ARG B 13 33.59 26.16 4.89
N LYS B 14 32.53 25.51 5.37
CA LYS B 14 32.52 24.05 5.41
C LYS B 14 32.41 23.45 4.01
N THR B 15 31.57 24.04 3.15
CA THR B 15 31.38 23.55 1.79
C THR B 15 32.66 23.64 0.97
N VAL B 16 33.36 24.78 1.06
CA VAL B 16 34.58 24.98 0.29
C VAL B 16 35.66 24.02 0.74
N ASP B 17 35.83 23.86 2.06
CA ASP B 17 36.87 23.00 2.59
C ASP B 17 36.65 21.53 2.21
N SER B 18 35.39 21.12 2.04
CA SER B 18 35.04 19.71 1.87
C SER B 18 34.93 19.26 0.41
N ALA B 19 34.40 20.10 -0.49
CA ALA B 19 34.09 19.65 -1.84
C ALA B 19 35.35 19.34 -2.65
N ALA B 20 35.27 18.30 -3.50
CA ALA B 20 36.39 17.99 -4.38
C ALA B 20 36.50 19.00 -5.52
N VAL B 21 35.42 19.18 -6.28
CA VAL B 21 35.36 20.16 -7.37
C VAL B 21 33.98 20.78 -7.32
N ILE B 22 33.91 22.11 -7.15
CA ILE B 22 32.62 22.76 -7.00
C ILE B 22 32.61 24.10 -7.73
N LEU B 23 31.48 24.40 -8.37
CA LEU B 23 31.26 25.59 -9.16
C LEU B 23 30.14 26.42 -8.54
N PHE B 24 30.46 27.64 -8.09
CA PHE B 24 29.44 28.60 -7.67
C PHE B 24 28.96 29.38 -8.88
N SER B 25 27.64 29.40 -9.08
CA SER B 25 27.05 29.69 -10.38
C SER B 25 25.75 30.50 -10.20
N LYS B 26 25.21 30.93 -11.34
CA LYS B 26 23.84 31.42 -11.47
C LYS B 26 23.26 30.87 -12.77
N THR B 27 21.97 30.56 -12.77
CA THR B 27 21.36 29.89 -13.92
C THR B 27 21.21 30.80 -15.12
N THR B 28 21.30 32.12 -14.95
CA THR B 28 21.10 33.09 -16.02
C THR B 28 22.38 33.81 -16.43
N CYS B 29 23.56 33.33 -16.01
CA CYS B 29 24.82 33.94 -16.40
C CYS B 29 25.46 33.14 -17.52
N PRO B 30 25.74 33.74 -18.67
CA PRO B 30 26.37 32.98 -19.77
C PRO B 30 27.84 32.70 -19.55
N TYR B 31 28.52 33.44 -18.66
CA TYR B 31 29.87 33.06 -18.25
C TYR B 31 29.85 31.76 -17.43
N CYS B 32 28.91 31.63 -16.49
CA CYS B 32 28.67 30.35 -15.81
C CYS B 32 28.42 29.23 -16.80
N LYS B 33 27.48 29.45 -17.73
CA LYS B 33 27.13 28.40 -18.69
C LYS B 33 28.35 27.97 -19.49
N LYS B 34 29.19 28.93 -19.87
CA LYS B 34 30.36 28.60 -20.68
C LYS B 34 31.36 27.75 -19.88
N VAL B 35 31.53 28.06 -18.59
CA VAL B 35 32.43 27.26 -17.75
C VAL B 35 31.89 25.83 -17.61
N LYS B 36 30.57 25.68 -17.46
CA LYS B 36 29.98 24.34 -17.37
C LYS B 36 30.25 23.53 -18.63
N ASP B 37 30.12 24.15 -19.80
CA ASP B 37 30.36 23.41 -21.05
C ASP B 37 31.81 22.94 -21.18
N VAL B 38 32.76 23.75 -20.71
CA VAL B 38 34.17 23.37 -20.77
C VAL B 38 34.42 22.16 -19.87
N LEU B 39 33.91 22.20 -18.63
CA LEU B 39 34.08 21.09 -17.71
C LEU B 39 33.40 19.83 -18.25
N ALA B 40 32.18 19.97 -18.77
CA ALA B 40 31.49 18.83 -19.39
C ALA B 40 32.34 18.23 -20.50
N GLU B 41 32.87 19.09 -21.39
CA GLU B 41 33.69 18.60 -22.49
C GLU B 41 34.96 17.93 -21.97
N ALA B 42 35.53 18.45 -20.90
CA ALA B 42 36.75 17.88 -20.34
C ALA B 42 36.50 16.59 -19.56
N LYS B 43 35.24 16.16 -19.44
CA LYS B 43 34.86 15.00 -18.63
C LYS B 43 35.24 15.21 -17.16
N ILE B 44 35.11 16.44 -16.68
CA ILE B 44 35.41 16.81 -15.31
C ILE B 44 34.10 16.90 -14.54
N LYS B 45 33.85 15.94 -13.65
CA LYS B 45 32.63 15.96 -12.85
C LYS B 45 32.80 16.93 -11.67
N HIS B 46 31.68 17.52 -11.24
CA HIS B 46 31.71 18.54 -10.20
C HIS B 46 30.32 18.77 -9.64
N ALA B 47 30.29 19.39 -8.45
CA ALA B 47 29.07 19.95 -7.86
C ALA B 47 28.84 21.37 -8.37
N THR B 48 27.58 21.80 -8.33
CA THR B 48 27.17 23.14 -8.73
C THR B 48 26.23 23.73 -7.68
N ILE B 49 26.50 24.96 -7.25
CA ILE B 49 25.59 25.72 -6.38
C ILE B 49 25.10 26.94 -7.16
N GLU B 50 23.80 27.02 -7.40
CA GLU B 50 23.18 28.12 -8.15
C GLU B 50 22.72 29.20 -7.18
N LEU B 51 23.49 30.30 -7.08
CA LEU B 51 23.23 31.28 -6.03
C LEU B 51 21.89 31.99 -6.22
N ASP B 52 21.39 32.07 -7.46
CA ASP B 52 20.14 32.75 -7.73
C ASP B 52 18.92 32.00 -7.18
N GLN B 53 19.04 30.69 -6.95
CA GLN B 53 17.95 29.92 -6.38
C GLN B 53 18.01 29.84 -4.86
N LEU B 54 18.90 30.59 -4.23
CA LEU B 54 19.04 30.56 -2.78
C LEU B 54 18.75 31.94 -2.21
N SER B 55 17.90 31.97 -1.18
CA SER B 55 17.47 33.24 -0.60
C SER B 55 18.63 34.01 0.02
N ASN B 56 19.73 33.33 0.38
CA ASN B 56 20.90 34.00 0.95
C ASN B 56 22.06 34.07 -0.05
N GLY B 57 21.74 34.08 -1.35
CA GLY B 57 22.78 34.03 -2.37
C GLY B 57 23.70 35.23 -2.35
N SER B 58 23.14 36.43 -2.16
CA SER B 58 23.96 37.63 -2.18
C SER B 58 24.94 37.64 -1.02
N ALA B 59 24.51 37.17 0.16
CA ALA B 59 25.42 37.08 1.29
C ALA B 59 26.51 36.03 1.06
N ILE B 60 26.20 34.99 0.28
CA ILE B 60 27.22 34.00 -0.07
C ILE B 60 28.31 34.66 -0.92
N GLN B 61 27.90 35.51 -1.87
CA GLN B 61 28.87 36.17 -2.75
C GLN B 61 29.87 37.02 -1.98
N LYS B 62 29.40 37.77 -0.98
CA LYS B 62 30.34 38.51 -0.14
C LYS B 62 31.23 37.56 0.66
N CYS B 63 30.68 36.41 1.07
CA CYS B 63 31.45 35.43 1.83
C CYS B 63 32.56 34.82 0.97
N LEU B 64 32.28 34.63 -0.33
CA LEU B 64 33.27 34.05 -1.26
C LEU B 64 34.54 34.88 -1.31
N ALA B 65 34.42 36.21 -1.24
CA ALA B 65 35.59 37.07 -1.34
C ALA B 65 36.61 36.79 -0.25
N SER B 66 36.21 36.11 0.83
CA SER B 66 37.17 35.64 1.83
C SER B 66 38.29 34.84 1.18
N PHE B 67 37.95 33.98 0.24
CA PHE B 67 38.90 33.05 -0.38
C PHE B 67 39.51 33.60 -1.66
N SER B 68 38.68 34.22 -2.50
CA SER B 68 39.06 34.62 -3.84
C SER B 68 39.39 36.10 -3.99
N LYS B 69 38.91 36.93 -3.07
CA LYS B 69 39.03 38.39 -3.18
C LYS B 69 38.30 38.91 -4.43
N ILE B 70 37.22 38.24 -4.82
CA ILE B 70 36.26 38.74 -5.80
C ILE B 70 34.87 38.34 -5.34
N GLU B 71 33.88 38.96 -5.97
CA GLU B 71 32.48 38.81 -5.57
C GLU B 71 31.61 38.31 -6.69
N THR B 72 32.14 38.18 -7.90
CA THR B 72 31.35 37.82 -9.07
C THR B 72 31.20 36.30 -9.16
N VAL B 73 30.25 35.90 -10.00
CA VAL B 73 29.93 34.52 -10.31
C VAL B 73 30.90 34.02 -11.38
N PRO B 74 30.86 32.71 -11.82
CA PRO B 74 32.06 31.89 -11.97
C PRO B 74 33.11 32.02 -10.89
N GLN B 75 33.03 31.13 -9.88
CA GLN B 75 34.12 30.88 -8.95
C GLN B 75 34.29 29.36 -8.82
N MET B 76 35.46 28.86 -9.23
CA MET B 76 35.77 27.43 -9.20
C MET B 76 36.71 27.13 -8.05
N PHE B 77 36.40 26.07 -7.30
CA PHE B 77 37.26 25.61 -6.23
C PHE B 77 37.61 24.15 -6.44
N VAL B 78 38.81 23.78 -6.00
CA VAL B 78 39.27 22.40 -6.01
C VAL B 78 39.88 22.12 -4.64
N ARG B 79 39.24 21.24 -3.87
CA ARG B 79 39.79 20.73 -2.62
C ARG B 79 40.22 21.87 -1.67
N GLY B 80 39.35 22.86 -1.52
CA GLY B 80 39.55 23.91 -0.55
C GLY B 80 40.22 25.16 -1.06
N LYS B 81 40.64 25.17 -2.33
CA LYS B 81 41.45 26.24 -2.89
C LYS B 81 40.71 26.86 -4.07
N PHE B 82 40.64 28.18 -4.10
CA PHE B 82 40.05 28.88 -5.22
C PHE B 82 40.94 28.74 -6.46
N ILE B 83 40.34 28.33 -7.57
CA ILE B 83 41.07 28.02 -8.80
C ILE B 83 41.05 29.20 -9.77
N GLY B 84 39.91 29.86 -9.88
CA GLY B 84 39.78 30.92 -10.85
C GLY B 84 38.35 31.32 -11.16
N ASP B 85 38.20 32.51 -11.74
CA ASP B 85 36.96 32.92 -12.37
C ASP B 85 36.91 32.38 -13.80
N SER B 86 35.99 32.90 -14.63
CA SER B 86 35.86 32.42 -16.01
C SER B 86 37.17 32.60 -16.79
N GLN B 87 37.79 33.77 -16.69
CA GLN B 87 38.97 34.03 -17.52
C GLN B 87 40.13 33.11 -17.15
N THR B 88 40.31 32.85 -15.86
CA THR B 88 41.40 31.96 -15.44
C THR B 88 41.12 30.51 -15.85
N VAL B 89 39.88 30.05 -15.64
CA VAL B 89 39.54 28.66 -15.94
C VAL B 89 39.71 28.37 -17.43
N LEU B 90 39.21 29.27 -18.28
CA LEU B 90 39.28 29.05 -19.72
C LEU B 90 40.71 29.10 -20.25
N LYS B 91 41.59 29.87 -19.60
CA LYS B 91 42.98 29.94 -20.01
C LYS B 91 43.71 28.64 -19.67
N TYR B 92 43.46 28.10 -18.49
CA TYR B 92 44.01 26.80 -18.13
C TYR B 92 43.62 25.75 -19.16
N TYR B 93 42.35 25.76 -19.60
CA TYR B 93 41.87 24.74 -20.54
C TYR B 93 42.56 24.85 -21.89
N SER B 94 42.65 26.07 -22.45
CA SER B 94 43.27 26.19 -23.78
C SER B 94 44.77 25.91 -23.75
N ASN B 95 45.41 26.03 -22.58
CA ASN B 95 46.81 25.65 -22.42
C ASN B 95 46.99 24.20 -21.97
N ASP B 96 45.92 23.42 -21.91
CA ASP B 96 45.97 22.02 -21.50
C ASP B 96 46.54 21.88 -20.08
N GLU B 97 46.21 22.86 -19.23
CA GLU B 97 46.66 22.90 -17.84
C GLU B 97 45.54 22.53 -16.86
N LEU B 98 44.29 22.44 -17.33
CA LEU B 98 43.16 22.32 -16.42
C LEU B 98 43.09 20.93 -15.78
N ALA B 99 43.31 19.88 -16.57
CA ALA B 99 43.21 18.52 -16.03
C ALA B 99 44.18 18.29 -14.89
N GLY B 100 45.40 18.83 -15.00
CA GLY B 100 46.36 18.66 -13.92
C GLY B 100 45.93 19.35 -12.64
N ILE B 101 45.33 20.53 -12.77
CA ILE B 101 44.87 21.29 -11.60
C ILE B 101 43.75 20.55 -10.87
N VAL B 102 42.78 20.02 -11.61
CA VAL B 102 41.64 19.39 -10.94
C VAL B 102 41.96 17.99 -10.42
N ASN B 103 43.05 17.37 -10.86
CA ASN B 103 43.49 16.08 -10.33
C ASN B 103 44.50 16.21 -9.20
N GLU B 104 44.93 17.43 -8.88
CA GLU B 104 45.91 17.62 -7.83
C GLU B 104 45.30 17.32 -6.46
N SER B 105 45.96 16.45 -5.69
CA SER B 105 45.44 16.09 -4.39
C SER B 105 46.52 15.65 -3.42
N LYS B 106 46.36 16.06 -2.17
CA LYS B 106 47.25 15.67 -1.08
C LYS B 106 47.15 14.18 -0.77
N TYR B 107 46.00 13.55 -1.02
CA TYR B 107 45.77 12.15 -0.67
C TYR B 107 45.53 11.31 -1.91
N ASP B 108 45.56 9.98 -1.74
CA ASP B 108 45.25 9.10 -2.87
C ASP B 108 43.82 9.29 -3.35
N TYR B 109 42.88 9.49 -2.42
CA TYR B 109 41.45 9.54 -2.72
C TYR B 109 40.80 10.66 -1.94
N ASP B 110 39.73 11.23 -2.51
CA ASP B 110 38.88 12.14 -1.74
C ASP B 110 38.04 11.38 -0.71
N LEU B 111 37.65 10.15 -1.04
CA LEU B 111 36.78 9.34 -0.18
C LEU B 111 37.24 7.89 -0.28
N ILE B 112 37.42 7.25 0.87
CA ILE B 112 37.57 5.80 0.95
C ILE B 112 36.38 5.27 1.74
N VAL B 113 35.61 4.38 1.11
CA VAL B 113 34.51 3.66 1.77
C VAL B 113 35.03 2.28 2.17
N ILE B 114 34.98 1.96 3.47
CA ILE B 114 35.35 0.64 3.97
C ILE B 114 34.05 -0.15 4.12
N GLY B 115 33.83 -1.12 3.22
CA GLY B 115 32.65 -1.96 3.20
C GLY B 115 31.78 -1.73 1.97
N GLY B 116 31.52 -2.77 1.17
CA GLY B 116 30.78 -2.61 -0.07
C GLY B 116 29.40 -3.21 -0.01
N GLY B 117 28.61 -2.79 0.98
CA GLY B 117 27.24 -3.23 1.15
C GLY B 117 26.25 -2.14 0.78
N SER B 118 25.06 -2.25 1.37
CA SER B 118 23.94 -1.37 1.03
C SER B 118 24.33 0.11 1.12
N GLY B 119 24.81 0.53 2.30
CA GLY B 119 25.15 1.94 2.48
C GLY B 119 26.43 2.34 1.76
N GLY B 120 27.44 1.48 1.82
CA GLY B 120 28.74 1.86 1.30
C GLY B 120 28.76 2.01 -0.21
N LEU B 121 28.10 1.09 -0.93
CA LEU B 121 28.00 1.24 -2.37
C LEU B 121 27.20 2.49 -2.74
N ALA B 122 26.11 2.76 -2.00
CA ALA B 122 25.30 3.95 -2.26
C ALA B 122 26.11 5.22 -2.04
N ALA B 123 26.84 5.31 -0.92
CA ALA B 123 27.61 6.51 -0.63
C ALA B 123 28.71 6.73 -1.67
N GLY B 124 29.39 5.65 -2.09
CA GLY B 124 30.49 5.79 -3.03
C GLY B 124 30.05 6.21 -4.42
N LYS B 125 28.94 5.64 -4.91
CA LYS B 125 28.41 6.08 -6.21
C LYS B 125 27.98 7.54 -6.19
N GLU B 126 27.33 7.98 -5.11
CA GLU B 126 26.82 9.34 -5.08
C GLU B 126 27.95 10.36 -4.99
N ALA B 127 28.98 10.06 -4.19
CA ALA B 127 30.14 10.94 -4.11
C ALA B 127 30.84 11.07 -5.46
N ALA B 128 30.97 9.96 -6.19
CA ALA B 128 31.65 10.02 -7.48
C ALA B 128 30.96 10.96 -8.46
N LYS B 129 29.64 11.13 -8.31
CA LYS B 129 28.90 12.03 -9.21
C LYS B 129 29.35 13.48 -9.09
N TYR B 130 29.92 13.89 -7.97
CA TYR B 130 30.36 15.28 -7.78
C TYR B 130 31.87 15.46 -7.91
N GLY B 131 32.55 14.50 -8.54
CA GLY B 131 33.98 14.62 -8.77
C GLY B 131 34.85 14.16 -7.62
N ALA B 132 34.28 13.55 -6.59
CA ALA B 132 35.12 12.96 -5.55
C ALA B 132 35.84 11.73 -6.12
N LYS B 133 37.17 11.71 -6.04
CA LYS B 133 37.91 10.51 -6.43
C LYS B 133 37.76 9.49 -5.30
N THR B 134 37.12 8.33 -5.61
CA THR B 134 36.54 7.45 -4.61
C THR B 134 37.02 6.01 -4.76
N ALA B 135 37.32 5.37 -3.62
CA ALA B 135 37.57 3.94 -3.56
C ALA B 135 36.54 3.25 -2.67
N VAL B 136 36.05 2.08 -3.08
CA VAL B 136 35.21 1.23 -2.25
C VAL B 136 35.97 -0.08 -1.99
N LEU B 137 36.16 -0.40 -0.71
CA LEU B 137 36.80 -1.64 -0.27
C LEU B 137 35.71 -2.61 0.18
N ASP B 138 35.80 -3.87 -0.26
CA ASP B 138 34.91 -4.90 0.25
C ASP B 138 35.63 -6.24 0.34
N TYR B 139 35.43 -6.94 1.46
CA TYR B 139 35.94 -8.28 1.71
C TYR B 139 34.93 -9.04 2.55
N VAL B 140 34.74 -10.33 2.24
CA VAL B 140 33.77 -11.20 2.94
C VAL B 140 34.54 -12.31 3.64
N GLU B 141 34.75 -12.16 4.94
CA GLU B 141 35.33 -13.22 5.73
C GLU B 141 34.44 -14.47 5.72
N PRO B 142 34.99 -15.66 5.43
CA PRO B 142 34.16 -16.87 5.37
C PRO B 142 33.57 -17.29 6.70
N THR B 143 32.43 -17.97 6.63
CA THR B 143 31.78 -18.54 7.80
C THR B 143 32.61 -19.72 8.28
N PRO B 144 32.34 -20.24 9.49
CA PRO B 144 33.07 -21.43 9.98
C PRO B 144 33.12 -22.61 9.02
N ILE B 145 32.02 -22.91 8.29
CA ILE B 145 32.07 -24.02 7.34
C ILE B 145 32.64 -23.62 5.98
N GLY B 146 32.95 -22.34 5.77
CA GLY B 146 33.64 -21.90 4.57
C GLY B 146 32.83 -21.08 3.59
N THR B 147 31.58 -20.75 3.89
CA THR B 147 30.74 -19.99 2.96
C THR B 147 31.25 -18.56 2.75
N THR B 148 31.31 -18.13 1.50
CA THR B 148 31.63 -16.76 1.11
C THR B 148 30.76 -16.37 -0.09
N TRP B 149 30.81 -15.10 -0.49
CA TRP B 149 29.97 -14.58 -1.57
C TRP B 149 30.61 -13.31 -2.13
N GLY B 150 29.92 -12.67 -3.08
CA GLY B 150 30.45 -11.54 -3.84
C GLY B 150 29.97 -10.17 -3.34
N LEU B 151 30.16 -9.16 -4.20
CA LEU B 151 29.94 -7.75 -3.83
C LEU B 151 28.45 -7.43 -3.61
N GLY B 152 28.18 -6.56 -2.63
CA GLY B 152 26.81 -6.13 -2.40
C GLY B 152 26.30 -6.15 -0.97
N GLY B 153 26.97 -6.88 -0.08
CA GLY B 153 26.65 -6.80 1.34
C GLY B 153 25.65 -7.87 1.78
N THR B 154 25.13 -7.67 3.01
CA THR B 154 24.28 -8.66 3.66
C THR B 154 22.94 -8.82 2.96
N CYS B 155 22.25 -7.70 2.69
CA CYS B 155 20.92 -7.77 2.08
C CYS B 155 20.94 -8.51 0.75
N VAL B 156 21.91 -8.17 -0.11
CA VAL B 156 22.01 -8.76 -1.45
C VAL B 156 22.29 -10.26 -1.40
N ASN B 157 23.26 -10.69 -0.58
CA ASN B 157 23.80 -12.05 -0.68
C ASN B 157 23.22 -13.03 0.34
N VAL B 158 22.91 -12.56 1.55
CA VAL B 158 22.51 -13.42 2.67
C VAL B 158 21.45 -12.73 3.55
N GLY B 159 20.62 -11.87 2.94
CA GLY B 159 19.66 -11.09 3.70
C GLY B 159 18.31 -10.92 3.02
N CYS B 160 17.86 -9.65 2.86
CA CYS B 160 16.50 -9.36 2.37
C CYS B 160 16.20 -10.06 1.05
N ILE B 161 17.16 -10.06 0.10
CA ILE B 161 16.90 -10.59 -1.24
C ILE B 161 16.66 -12.10 -1.23
N PRO B 162 17.60 -12.96 -0.80
CA PRO B 162 17.27 -14.41 -0.83
C PRO B 162 16.17 -14.77 0.15
N LYS B 163 16.08 -14.08 1.30
CA LYS B 163 15.03 -14.38 2.29
C LYS B 163 13.64 -14.17 1.68
N LYS B 164 13.41 -13.06 0.98
CA LYS B 164 12.07 -12.84 0.46
C LYS B 164 11.78 -13.74 -0.74
N LEU B 165 12.81 -14.13 -1.51
CA LEU B 165 12.58 -15.09 -2.58
C LEU B 165 12.17 -16.45 -2.03
N MET B 166 12.77 -16.90 -0.90
CA MET B 166 12.34 -18.18 -0.32
C MET B 166 10.99 -18.05 0.38
N HIS B 167 10.70 -16.91 0.99
CA HIS B 167 9.33 -16.60 1.43
C HIS B 167 8.31 -16.75 0.29
N GLN B 168 8.64 -16.21 -0.90
CA GLN B 168 7.74 -16.33 -2.05
C GLN B 168 7.53 -17.78 -2.47
N ALA B 169 8.59 -18.60 -2.44
CA ALA B 169 8.42 -20.02 -2.72
C ALA B 169 7.46 -20.66 -1.71
N GLY B 170 7.54 -20.23 -0.45
CA GLY B 170 6.60 -20.74 0.55
C GLY B 170 5.18 -20.25 0.35
N LEU B 171 4.99 -18.96 0.05
CA LEU B 171 3.66 -18.45 -0.30
C LEU B 171 3.04 -19.21 -1.46
N LEU B 172 3.86 -19.65 -2.41
CA LEU B 172 3.27 -20.32 -3.57
C LEU B 172 2.66 -21.67 -3.23
N SER B 173 3.07 -22.32 -2.14
CA SER B 173 2.41 -23.56 -1.77
C SER B 173 0.94 -23.32 -1.45
N HIS B 174 0.63 -22.18 -0.80
CA HIS B 174 -0.77 -21.89 -0.52
C HIS B 174 -1.50 -21.39 -1.77
N ALA B 175 -0.79 -20.75 -2.71
CA ALA B 175 -1.43 -20.42 -3.99
C ALA B 175 -1.82 -21.69 -4.75
N LEU B 176 -0.97 -22.71 -4.70
CA LEU B 176 -1.30 -23.99 -5.33
C LEU B 176 -2.53 -24.62 -4.71
N GLU B 177 -2.68 -24.54 -3.38
CA GLU B 177 -3.90 -25.05 -2.75
C GLU B 177 -5.12 -24.22 -3.17
N ASP B 178 -5.00 -22.88 -3.08
CA ASP B 178 -6.12 -22.01 -3.44
C ASP B 178 -6.59 -22.25 -4.88
N ALA B 179 -5.64 -22.56 -5.77
CA ALA B 179 -5.97 -22.71 -7.18
C ALA B 179 -7.01 -23.80 -7.43
N GLU B 180 -7.00 -24.90 -6.66
CA GLU B 180 -8.04 -25.91 -6.81
C GLU B 180 -9.43 -25.32 -6.56
N HIS B 181 -9.57 -24.52 -5.50
CA HIS B 181 -10.88 -23.93 -5.20
C HIS B 181 -11.32 -22.94 -6.26
N PHE B 182 -10.39 -22.24 -6.89
CA PHE B 182 -10.75 -21.32 -7.97
C PHE B 182 -10.92 -22.02 -9.34
N GLY B 183 -10.91 -23.36 -9.38
CA GLY B 183 -11.25 -24.12 -10.58
C GLY B 183 -10.11 -24.79 -11.35
N TRP B 184 -8.86 -24.65 -10.93
CA TRP B 184 -7.72 -25.25 -11.64
C TRP B 184 -7.61 -26.75 -11.31
N SER B 185 -7.11 -27.53 -12.28
CA SER B 185 -7.22 -29.00 -12.21
C SER B 185 -6.09 -29.68 -11.43
N LEU B 186 -5.13 -28.95 -10.88
CA LEU B 186 -4.03 -29.57 -10.14
C LEU B 186 -4.51 -30.21 -8.84
N ASP B 187 -3.69 -31.13 -8.30
CA ASP B 187 -3.91 -31.74 -6.98
C ASP B 187 -2.69 -31.43 -6.11
N ARG B 188 -2.83 -30.45 -5.21
CA ARG B 188 -1.72 -30.04 -4.34
C ARG B 188 -1.17 -31.21 -3.53
N SER B 189 -2.01 -32.21 -3.22
CA SER B 189 -1.56 -33.40 -2.48
C SER B 189 -0.42 -34.12 -3.19
N LYS B 190 -0.37 -34.05 -4.51
CA LYS B 190 0.58 -34.82 -5.29
C LYS B 190 1.79 -34.02 -5.75
N ILE B 191 2.00 -32.83 -5.20
CA ILE B 191 3.03 -31.91 -5.65
C ILE B 191 4.02 -31.72 -4.51
N SER B 192 5.32 -31.70 -4.83
CA SER B 192 6.36 -31.58 -3.83
C SER B 192 7.33 -30.48 -4.22
N HIS B 193 8.21 -30.12 -3.30
CA HIS B 193 9.17 -29.05 -3.53
C HIS B 193 10.58 -29.62 -3.63
N ASN B 194 11.35 -29.10 -4.59
CA ASN B 194 12.77 -29.42 -4.78
C ASN B 194 13.62 -28.24 -4.30
N TRP B 195 14.25 -28.40 -3.12
CA TRP B 195 15.06 -27.35 -2.51
C TRP B 195 16.18 -26.89 -3.45
N SER B 196 16.87 -27.83 -4.09
CA SER B 196 18.05 -27.44 -4.83
C SER B 196 17.69 -26.66 -6.10
N THR B 197 16.54 -26.94 -6.71
CA THR B 197 16.08 -26.11 -7.83
C THR B 197 15.84 -24.67 -7.37
N MET B 198 15.16 -24.48 -6.24
CA MET B 198 15.00 -23.16 -5.64
C MET B 198 16.34 -22.45 -5.46
N VAL B 199 17.24 -23.09 -4.71
CA VAL B 199 18.53 -22.46 -4.35
C VAL B 199 19.30 -22.07 -5.60
N GLU B 200 19.24 -22.92 -6.64
CA GLU B 200 19.99 -22.60 -7.85
C GLU B 200 19.46 -21.36 -8.53
N GLY B 201 18.14 -21.16 -8.52
CA GLY B 201 17.57 -19.95 -9.11
C GLY B 201 17.83 -18.71 -8.27
N VAL B 202 17.72 -18.83 -6.94
CA VAL B 202 18.02 -17.70 -6.06
C VAL B 202 19.48 -17.28 -6.24
N GLN B 203 20.41 -18.26 -6.26
CA GLN B 203 21.83 -17.93 -6.37
C GLN B 203 22.20 -17.37 -7.73
N SER B 204 21.53 -17.80 -8.79
CA SER B 204 21.82 -17.21 -10.09
C SER B 204 21.33 -15.76 -10.16
N HIS B 205 20.26 -15.41 -9.44
CA HIS B 205 19.87 -14.01 -9.39
C HIS B 205 20.87 -13.19 -8.60
N ILE B 206 21.31 -13.70 -7.44
CA ILE B 206 22.30 -12.98 -6.64
C ILE B 206 23.55 -12.74 -7.47
N GLY B 207 23.94 -13.75 -8.26
CA GLY B 207 25.09 -13.59 -9.15
C GLY B 207 24.95 -12.41 -10.08
N SER B 208 23.75 -12.21 -10.66
CA SER B 208 23.56 -11.08 -11.55
C SER B 208 23.70 -9.75 -10.80
N LEU B 209 23.43 -9.74 -9.50
CA LEU B 209 23.55 -8.51 -8.71
C LEU B 209 25.01 -8.23 -8.35
N ASN B 210 25.78 -9.24 -7.96
CA ASN B 210 27.22 -9.05 -7.79
C ASN B 210 27.82 -8.41 -9.04
N TRP B 211 27.50 -8.97 -10.22
CA TRP B 211 28.06 -8.47 -11.47
C TRP B 211 27.61 -7.03 -11.73
N GLY B 212 26.33 -6.75 -11.49
CA GLY B 212 25.81 -5.43 -11.76
C GLY B 212 26.45 -4.35 -10.91
N TYR B 213 26.80 -4.68 -9.65
CA TYR B 213 27.49 -3.70 -8.81
C TYR B 213 28.92 -3.43 -9.30
N LYS B 214 29.64 -4.46 -9.76
CA LYS B 214 30.96 -4.23 -10.35
C LYS B 214 30.88 -3.31 -11.57
N VAL B 215 29.94 -3.58 -12.48
CA VAL B 215 29.77 -2.75 -13.67
C VAL B 215 29.38 -1.33 -13.29
N ALA B 216 28.54 -1.18 -12.27
CA ALA B 216 28.13 0.18 -11.88
C ALA B 216 29.30 0.99 -11.33
N LEU B 217 30.21 0.36 -10.58
CA LEU B 217 31.34 1.11 -10.04
C LEU B 217 32.28 1.52 -11.15
N ARG B 218 32.56 0.62 -12.10
CA ARG B 218 33.40 0.96 -13.25
C ARG B 218 32.82 2.13 -14.05
N ASP B 219 31.49 2.14 -14.26
CA ASP B 219 30.87 3.20 -15.05
C ASP B 219 30.80 4.54 -14.32
N ASN B 220 30.96 4.56 -13.01
CA ASN B 220 31.06 5.80 -12.23
C ASN B 220 32.50 6.19 -11.91
N GLN B 221 33.48 5.50 -12.51
CA GLN B 221 34.90 5.70 -12.22
C GLN B 221 35.22 5.59 -10.72
N VAL B 222 34.59 4.61 -10.05
CA VAL B 222 34.92 4.29 -8.66
C VAL B 222 35.92 3.15 -8.69
N THR B 223 37.01 3.27 -7.92
CA THR B 223 37.98 2.18 -7.82
C THR B 223 37.47 1.14 -6.82
N TYR B 224 37.29 -0.10 -7.29
CA TYR B 224 36.85 -1.20 -6.43
C TYR B 224 38.04 -2.09 -6.07
N LEU B 225 38.24 -2.33 -4.78
CA LEU B 225 39.30 -3.17 -4.27
C LEU B 225 38.69 -4.30 -3.44
N ASN B 226 38.83 -5.55 -3.90
CA ASN B 226 38.37 -6.70 -3.12
C ASN B 226 39.48 -7.04 -2.10
N ALA B 227 39.47 -6.30 -0.99
CA ALA B 227 40.56 -6.28 -0.03
C ALA B 227 40.04 -5.88 1.34
N LYS B 228 40.66 -6.43 2.38
CA LYS B 228 40.33 -6.13 3.76
C LYS B 228 41.00 -4.81 4.19
N GLY B 229 40.21 -3.90 4.74
CA GLY B 229 40.71 -2.58 5.13
C GLY B 229 40.74 -2.40 6.64
N ARG B 230 41.71 -1.62 7.11
CA ARG B 230 41.83 -1.31 8.54
C ARG B 230 42.31 0.13 8.67
N LEU B 231 41.53 0.97 9.36
CA LEU B 231 41.93 2.36 9.55
C LEU B 231 42.98 2.41 10.66
N ILE B 232 44.18 2.89 10.32
CA ILE B 232 45.30 2.92 11.27
C ILE B 232 45.65 4.34 11.72
N SER B 233 45.26 5.36 10.98
CA SER B 233 45.30 6.75 11.41
C SER B 233 44.15 7.46 10.73
N PRO B 234 43.82 8.69 11.15
CA PRO B 234 42.66 9.38 10.56
C PRO B 234 42.59 9.34 9.04
N HIS B 235 43.73 9.39 8.32
CA HIS B 235 43.72 9.40 6.87
C HIS B 235 44.37 8.19 6.19
N GLU B 236 44.87 7.20 6.94
CA GLU B 236 45.55 6.04 6.34
C GLU B 236 44.75 4.76 6.55
N VAL B 237 44.53 4.03 5.47
CA VAL B 237 43.87 2.72 5.51
C VAL B 237 44.86 1.66 5.05
N GLN B 238 45.07 0.66 5.91
CA GLN B 238 45.85 -0.52 5.56
C GLN B 238 44.99 -1.53 4.81
N ILE B 239 45.44 -1.95 3.63
CA ILE B 239 44.69 -2.93 2.84
C ILE B 239 45.49 -4.21 2.67
N THR B 240 44.74 -5.32 2.61
CA THR B 240 45.16 -6.69 2.39
C THR B 240 43.94 -7.31 1.73
N ASP B 241 44.01 -8.10 0.66
CA ASP B 241 44.78 -8.34 -0.57
C ASP B 241 44.56 -9.83 -0.75
N LYS B 242 43.95 -10.24 -1.86
CA LYS B 242 43.63 -11.65 -2.01
C LYS B 242 44.87 -12.54 -1.89
N ASN B 243 46.05 -11.99 -2.18
CA ASN B 243 47.31 -12.71 -2.11
C ASN B 243 48.08 -12.43 -0.82
N GLN B 244 47.45 -11.76 0.15
CA GLN B 244 48.03 -11.44 1.46
C GLN B 244 49.12 -10.36 1.40
N LYS B 245 49.10 -9.50 0.39
CA LYS B 245 50.04 -8.38 0.31
C LYS B 245 49.48 -7.16 1.04
N VAL B 246 50.26 -6.58 1.94
CA VAL B 246 49.81 -5.46 2.77
C VAL B 246 50.38 -4.16 2.21
N SER B 247 49.53 -3.14 2.06
CA SER B 247 49.98 -1.81 1.66
C SER B 247 49.09 -0.76 2.33
N THR B 248 49.35 0.51 2.03
CA THR B 248 48.61 1.61 2.64
C THR B 248 48.14 2.57 1.56
N ILE B 249 46.88 3.01 1.65
CA ILE B 249 46.34 4.07 0.82
C ILE B 249 45.81 5.16 1.73
N THR B 250 45.70 6.38 1.20
CA THR B 250 45.30 7.53 2.00
C THR B 250 44.05 8.19 1.44
N GLY B 251 43.25 8.78 2.33
CA GLY B 251 42.01 9.41 1.91
C GLY B 251 41.67 10.61 2.77
N ASN B 252 41.02 11.60 2.15
CA ASN B 252 40.61 12.80 2.87
C ASN B 252 39.46 12.48 3.83
N LYS B 253 38.31 12.09 3.29
CA LYS B 253 37.19 11.60 4.09
C LYS B 253 37.16 10.06 4.07
N ILE B 254 36.69 9.48 5.17
CA ILE B 254 36.56 8.03 5.34
C ILE B 254 35.13 7.75 5.77
N ILE B 255 34.48 6.79 5.11
CA ILE B 255 33.17 6.29 5.54
C ILE B 255 33.32 4.83 5.96
N LEU B 256 32.97 4.54 7.20
CA LEU B 256 32.95 3.18 7.73
C LEU B 256 31.56 2.59 7.47
N ALA B 257 31.52 1.47 6.75
CA ALA B 257 30.23 0.86 6.41
C ALA B 257 30.36 -0.67 6.38
N THR B 258 30.93 -1.24 7.43
CA THR B 258 31.33 -2.65 7.42
C THR B 258 30.26 -3.61 7.95
N GLY B 259 29.12 -3.12 8.47
CA GLY B 259 28.02 -4.01 8.80
C GLY B 259 28.30 -4.96 9.98
N GLU B 260 27.49 -6.02 10.05
CA GLU B 260 27.50 -6.97 11.16
C GLU B 260 27.52 -8.41 10.65
N ARG B 261 27.72 -9.37 11.56
CA ARG B 261 27.64 -10.79 11.25
C ARG B 261 26.91 -11.53 12.38
N PRO B 262 26.37 -12.72 12.09
CA PRO B 262 25.62 -13.47 13.11
C PRO B 262 26.46 -13.82 14.32
N LYS B 263 25.81 -13.82 15.49
CA LYS B 263 26.38 -14.29 16.75
C LYS B 263 26.18 -15.80 16.87
N TYR B 264 27.05 -16.44 17.67
CA TYR B 264 26.89 -17.83 18.10
C TYR B 264 26.81 -17.86 19.63
N PRO B 265 25.94 -18.68 20.22
CA PRO B 265 25.99 -18.85 21.69
C PRO B 265 27.27 -19.58 22.10
N GLU B 266 27.73 -19.32 23.33
CA GLU B 266 28.97 -19.91 23.82
C GLU B 266 28.71 -21.26 24.48
N ILE B 267 28.45 -22.26 23.64
CA ILE B 267 28.16 -23.62 24.08
C ILE B 267 28.90 -24.60 23.19
N PRO B 268 29.22 -25.78 23.73
CA PRO B 268 29.93 -26.80 22.94
C PRO B 268 29.16 -27.20 21.68
N GLY B 269 29.90 -27.30 20.56
CA GLY B 269 29.33 -27.77 19.31
C GLY B 269 28.66 -26.73 18.44
N ALA B 270 28.36 -25.53 18.97
CA ALA B 270 27.61 -24.55 18.20
C ALA B 270 28.33 -24.15 16.91
N VAL B 271 29.60 -23.73 17.01
CA VAL B 271 30.34 -23.29 15.82
C VAL B 271 30.62 -24.46 14.89
N GLU B 272 30.89 -25.64 15.46
CA GLU B 272 31.32 -26.77 14.66
C GLU B 272 30.15 -27.34 13.83
N TYR B 273 28.96 -27.45 14.43
CA TYR B 273 27.88 -28.26 13.89
C TYR B 273 26.60 -27.49 13.53
N GLY B 274 26.38 -26.28 14.07
CA GLY B 274 25.26 -25.46 13.66
C GLY B 274 25.62 -24.56 12.48
N ILE B 275 24.59 -23.91 11.92
CA ILE B 275 24.78 -22.94 10.83
C ILE B 275 24.02 -21.67 11.20
N THR B 276 24.18 -20.64 10.36
CA THR B 276 23.44 -19.39 10.52
C THR B 276 22.79 -19.03 9.18
N SER B 277 22.11 -17.88 9.18
CA SER B 277 21.53 -17.35 7.96
C SER B 277 22.60 -17.20 6.87
N ASP B 278 23.85 -16.90 7.26
CA ASP B 278 24.95 -16.79 6.30
C ASP B 278 25.09 -18.04 5.45
N ASP B 279 24.88 -19.22 6.03
CA ASP B 279 25.00 -20.46 5.28
C ASP B 279 23.70 -20.92 4.62
N LEU B 280 22.55 -20.57 5.21
CA LEU B 280 21.27 -21.15 4.78
C LEU B 280 20.95 -20.84 3.32
N PHE B 281 21.23 -19.62 2.86
CA PHE B 281 20.68 -19.18 1.57
C PHE B 281 21.41 -19.76 0.37
N SER B 282 22.59 -20.36 0.56
CA SER B 282 23.25 -21.13 -0.49
C SER B 282 23.41 -22.61 -0.15
N LEU B 283 22.74 -23.11 0.89
CA LEU B 283 22.95 -24.50 1.30
C LEU B 283 22.58 -25.46 0.17
N PRO B 284 23.45 -26.41 -0.19
CA PRO B 284 23.14 -27.30 -1.32
C PRO B 284 22.19 -28.46 -1.01
N TYR B 285 21.91 -28.75 0.26
CA TYR B 285 21.01 -29.82 0.65
C TYR B 285 19.83 -29.20 1.41
N PHE B 286 18.64 -29.82 1.31
CA PHE B 286 17.49 -29.35 2.11
C PHE B 286 17.79 -29.56 3.59
N PRO B 287 17.53 -28.56 4.46
CA PRO B 287 17.85 -28.73 5.88
C PRO B 287 17.16 -29.92 6.55
N GLY B 288 16.02 -30.40 6.05
CA GLY B 288 15.36 -31.51 6.71
C GLY B 288 14.71 -31.09 8.03
N LYS B 289 14.67 -32.02 8.99
CA LYS B 289 14.12 -31.71 10.30
C LYS B 289 15.03 -30.70 11.00
N THR B 290 14.50 -29.50 11.26
CA THR B 290 15.31 -28.34 11.58
C THR B 290 14.90 -27.75 12.93
N LEU B 291 15.90 -27.36 13.72
CA LEU B 291 15.70 -26.56 14.92
C LEU B 291 16.22 -25.14 14.67
N VAL B 292 15.38 -24.14 14.88
CA VAL B 292 15.80 -22.74 14.83
C VAL B 292 15.89 -22.24 16.28
N ILE B 293 17.07 -21.76 16.68
CA ILE B 293 17.30 -21.25 18.04
C ILE B 293 17.28 -19.73 18.00
N GLY B 294 16.33 -19.13 18.71
CA GLY B 294 16.14 -17.69 18.70
C GLY B 294 14.72 -17.31 18.28
N ALA B 295 14.43 -16.01 18.40
CA ALA B 295 13.05 -15.56 18.18
C ALA B 295 12.97 -14.18 17.54
N SER B 296 14.03 -13.72 16.89
CA SER B 296 14.07 -12.49 16.11
C SER B 296 13.26 -12.63 14.83
N TYR B 297 13.08 -11.51 14.10
CA TYR B 297 12.41 -11.63 12.81
C TYR B 297 13.18 -12.55 11.85
N VAL B 298 14.51 -12.57 11.93
CA VAL B 298 15.27 -13.53 11.11
C VAL B 298 14.89 -14.97 11.46
N ALA B 299 14.84 -15.28 12.76
CA ALA B 299 14.48 -16.64 13.18
C ALA B 299 13.09 -17.04 12.69
N LEU B 300 12.10 -16.15 12.84
CA LEU B 300 10.72 -16.52 12.51
C LEU B 300 10.50 -16.56 11.00
N GLU B 301 11.09 -15.62 10.25
CA GLU B 301 11.00 -15.68 8.79
C GLU B 301 11.56 -16.98 8.23
N CYS B 302 12.76 -17.40 8.71
CA CYS B 302 13.36 -18.63 8.20
C CYS B 302 12.56 -19.86 8.63
N ALA B 303 12.12 -19.93 9.88
CA ALA B 303 11.29 -21.07 10.28
C ALA B 303 10.02 -21.14 9.44
N GLY B 304 9.42 -19.99 9.16
CA GLY B 304 8.18 -19.96 8.40
C GLY B 304 8.30 -20.54 7.00
N PHE B 305 9.29 -20.08 6.21
CA PHE B 305 9.32 -20.62 4.86
C PHE B 305 9.80 -22.07 4.84
N LEU B 306 10.64 -22.48 5.82
CA LEU B 306 11.06 -23.88 5.83
C LEU B 306 9.88 -24.81 6.09
N ALA B 307 8.95 -24.41 6.95
CA ALA B 307 7.75 -25.21 7.17
C ALA B 307 6.88 -25.26 5.92
N SER B 308 6.72 -24.12 5.23
CA SER B 308 5.93 -24.07 4.00
C SER B 308 6.53 -24.92 2.88
N LEU B 309 7.85 -25.11 2.86
CA LEU B 309 8.50 -25.93 1.84
C LEU B 309 8.60 -27.41 2.24
N GLY B 310 7.84 -27.86 3.22
CA GLY B 310 7.80 -29.26 3.60
C GLY B 310 8.65 -29.66 4.80
N GLY B 311 9.26 -28.72 5.51
CA GLY B 311 10.13 -29.08 6.61
C GLY B 311 9.38 -29.32 7.91
N ASP B 312 9.95 -30.20 8.73
CA ASP B 312 9.57 -30.41 10.13
C ASP B 312 10.41 -29.44 10.97
N VAL B 313 9.79 -28.37 11.48
CA VAL B 313 10.51 -27.21 12.01
C VAL B 313 10.08 -26.95 13.45
N THR B 314 11.06 -26.73 14.33
CA THR B 314 10.85 -26.33 15.71
C THR B 314 11.61 -25.03 15.99
N VAL B 315 11.01 -24.11 16.75
CA VAL B 315 11.66 -22.86 17.18
C VAL B 315 11.85 -22.88 18.70
N MET B 316 13.10 -22.66 19.15
CA MET B 316 13.45 -22.63 20.58
C MET B 316 13.49 -21.19 21.06
N VAL B 317 12.60 -20.81 21.98
CA VAL B 317 12.38 -19.42 22.37
C VAL B 317 12.85 -19.20 23.81
N ARG B 318 13.86 -18.34 23.99
CA ARG B 318 14.37 -18.07 25.34
C ARG B 318 13.33 -17.39 26.22
N SER B 319 12.70 -16.30 25.73
CA SER B 319 11.66 -15.63 26.50
C SER B 319 10.43 -15.34 25.63
N ILE B 320 10.49 -14.28 24.82
CA ILE B 320 9.35 -13.80 24.04
C ILE B 320 9.72 -13.77 22.55
N LEU B 321 8.69 -13.62 21.71
CA LEU B 321 8.84 -13.46 20.27
C LEU B 321 8.98 -11.99 19.90
N LEU B 322 9.87 -11.70 18.93
CA LEU B 322 9.98 -10.35 18.34
C LEU B 322 10.14 -9.25 19.40
N ARG B 323 11.11 -9.43 20.31
CA ARG B 323 11.38 -8.41 21.32
C ARG B 323 11.62 -7.06 20.65
N GLY B 324 10.98 -6.03 21.16
CA GLY B 324 11.04 -4.71 20.58
C GLY B 324 9.88 -4.37 19.66
N PHE B 325 9.13 -5.36 19.21
CA PHE B 325 7.92 -5.13 18.43
C PHE B 325 6.70 -5.22 19.34
N ASP B 326 5.62 -4.58 18.91
CA ASP B 326 4.32 -4.65 19.60
C ASP B 326 3.98 -6.10 19.92
N GLN B 327 3.78 -6.39 21.23
CA GLN B 327 3.68 -7.79 21.64
C GLN B 327 2.33 -8.41 21.36
N GLN B 328 1.26 -7.63 21.29
CA GLN B 328 -0.01 -8.19 20.81
C GLN B 328 0.17 -8.74 19.40
N MET B 329 0.81 -7.94 18.53
CA MET B 329 1.05 -8.31 17.15
C MET B 329 2.00 -9.51 17.05
N ALA B 330 3.05 -9.51 17.88
CA ALA B 330 4.00 -10.63 17.88
C ALA B 330 3.30 -11.95 18.21
N GLU B 331 2.38 -11.93 19.18
CA GLU B 331 1.70 -13.17 19.56
C GLU B 331 0.75 -13.65 18.47
N LYS B 332 0.08 -12.72 17.75
CA LYS B 332 -0.71 -13.12 16.58
C LYS B 332 0.14 -13.72 15.47
N VAL B 333 1.32 -13.14 15.22
CA VAL B 333 2.25 -13.70 14.23
C VAL B 333 2.58 -15.15 14.58
N GLY B 334 2.95 -15.40 15.84
CA GLY B 334 3.34 -16.74 16.24
C GLY B 334 2.19 -17.73 16.30
N ASP B 335 0.98 -17.27 16.65
CA ASP B 335 -0.17 -18.16 16.68
C ASP B 335 -0.50 -18.68 15.28
N TYR B 336 -0.45 -17.80 14.26
CA TYR B 336 -0.65 -18.26 12.88
C TYR B 336 0.41 -19.29 12.48
N MET B 337 1.66 -19.05 12.87
CA MET B 337 2.77 -19.94 12.53
C MET B 337 2.54 -21.32 13.15
N GLU B 338 2.08 -21.36 14.40
CA GLU B 338 1.82 -22.61 15.11
C GLU B 338 0.63 -23.36 14.52
N ASN B 339 -0.38 -22.64 14.01
CA ASN B 339 -1.47 -23.33 13.34
C ASN B 339 -1.11 -23.83 11.96
N HIS B 340 0.02 -23.43 11.41
CA HIS B 340 0.47 -23.83 10.08
C HIS B 340 1.83 -24.51 10.13
N GLY B 341 2.02 -25.35 11.15
CA GLY B 341 3.05 -26.37 11.13
C GLY B 341 4.41 -26.00 11.70
N VAL B 342 4.52 -24.90 12.44
CA VAL B 342 5.74 -24.60 13.20
C VAL B 342 5.50 -24.96 14.67
N LYS B 343 6.38 -25.78 15.23
CA LYS B 343 6.35 -26.09 16.66
C LYS B 343 7.27 -25.17 17.44
N PHE B 344 6.88 -24.85 18.67
CA PHE B 344 7.61 -23.92 19.52
C PHE B 344 7.98 -24.59 20.84
N ALA B 345 9.27 -24.56 21.20
CA ALA B 345 9.73 -24.94 22.54
C ALA B 345 9.94 -23.65 23.33
N LYS B 346 8.96 -23.29 24.17
CA LYS B 346 8.95 -21.97 24.78
C LYS B 346 9.68 -21.96 26.12
N LEU B 347 10.25 -20.81 26.46
CA LEU B 347 11.03 -20.62 27.68
C LEU B 347 12.14 -21.66 27.81
N CYS B 348 12.95 -21.78 26.75
CA CYS B 348 13.91 -22.87 26.61
C CYS B 348 15.19 -22.37 25.95
N VAL B 349 16.32 -22.95 26.38
CA VAL B 349 17.66 -22.50 25.97
C VAL B 349 18.53 -23.72 25.74
N PRO B 350 19.47 -23.65 24.78
CA PRO B 350 20.36 -24.79 24.51
C PRO B 350 21.60 -24.86 25.39
N ASP B 351 22.05 -26.09 25.64
CA ASP B 351 23.27 -26.36 26.43
C ASP B 351 24.42 -26.95 25.63
N GLU B 352 24.15 -27.82 24.65
CA GLU B 352 25.24 -28.33 23.80
C GLU B 352 24.65 -28.97 22.55
N ILE B 353 25.43 -28.93 21.46
CA ILE B 353 25.14 -29.64 20.22
C ILE B 353 26.16 -30.78 20.07
N LYS B 354 25.67 -32.02 20.00
CA LYS B 354 26.51 -33.18 19.72
C LYS B 354 26.27 -33.70 18.31
N GLN B 355 27.35 -34.07 17.61
CA GLN B 355 27.24 -34.63 16.26
C GLN B 355 27.00 -36.14 16.33
N LEU B 356 25.95 -36.58 15.64
CA LEU B 356 25.66 -38.01 15.47
C LEU B 356 25.97 -38.53 14.08
N LYS B 357 25.96 -37.67 13.06
CA LYS B 357 26.30 -38.07 11.71
C LYS B 357 26.80 -36.86 10.94
N VAL B 358 27.87 -37.06 10.17
CA VAL B 358 28.52 -35.98 9.43
C VAL B 358 27.70 -35.66 8.18
N VAL B 359 27.77 -34.39 7.74
CA VAL B 359 27.11 -33.96 6.51
C VAL B 359 27.69 -34.71 5.32
N ASP B 360 26.81 -35.26 4.49
CA ASP B 360 27.18 -35.98 3.27
C ASP B 360 27.29 -34.98 2.13
N THR B 361 28.49 -34.38 1.97
CA THR B 361 28.70 -33.41 0.90
C THR B 361 28.64 -34.07 -0.48
N GLU B 362 28.94 -35.36 -0.54
CA GLU B 362 28.93 -36.09 -1.81
C GLU B 362 27.54 -36.17 -2.41
N ASN B 363 26.58 -36.69 -1.64
CA ASN B 363 25.22 -36.96 -2.11
C ASN B 363 24.21 -35.92 -1.65
N ASN B 364 24.66 -34.85 -0.98
CA ASN B 364 23.83 -33.70 -0.64
C ASN B 364 22.71 -34.07 0.32
N LYS B 365 23.13 -34.59 1.47
CA LYS B 365 22.27 -34.95 2.58
C LYS B 365 22.79 -34.26 3.83
N PRO B 366 21.92 -33.78 4.70
CA PRO B 366 22.38 -33.27 5.98
C PRO B 366 22.86 -34.41 6.88
N GLY B 367 23.48 -34.05 7.99
CA GLY B 367 23.86 -35.03 8.98
C GLY B 367 22.77 -35.21 10.02
N LEU B 368 23.17 -35.44 11.27
CA LEU B 368 22.22 -35.61 12.37
C LEU B 368 22.88 -35.10 13.63
N LEU B 369 22.13 -34.36 14.43
CA LEU B 369 22.64 -33.70 15.61
C LEU B 369 21.75 -34.04 16.80
N LEU B 370 22.34 -34.13 17.98
CA LEU B 370 21.59 -34.26 19.22
C LEU B 370 21.67 -32.92 19.97
N VAL B 371 20.51 -32.30 20.23
CA VAL B 371 20.46 -31.02 20.93
C VAL B 371 20.00 -31.25 22.36
N LYS B 372 20.81 -30.77 23.30
CA LYS B 372 20.48 -30.83 24.72
C LYS B 372 20.26 -29.41 25.22
N GLY B 373 19.16 -29.19 25.94
CA GLY B 373 18.88 -27.90 26.54
C GLY B 373 18.08 -27.99 27.83
N HIS B 374 17.57 -26.85 28.32
CA HIS B 374 16.72 -26.90 29.51
C HIS B 374 15.73 -25.73 29.50
N TYR B 375 14.56 -25.99 30.07
CA TYR B 375 13.50 -25.01 30.29
C TYR B 375 13.71 -24.25 31.61
N THR B 376 12.95 -23.16 31.78
CA THR B 376 13.15 -22.30 32.95
C THR B 376 12.68 -22.97 34.24
N ASP B 377 11.72 -23.90 34.17
CA ASP B 377 11.33 -24.62 35.38
C ASP B 377 12.42 -25.58 35.83
N GLY B 378 13.15 -26.18 34.89
CA GLY B 378 14.26 -27.05 35.22
C GLY B 378 14.27 -28.29 34.34
N LYS B 379 13.10 -28.60 33.75
CA LYS B 379 12.97 -29.78 32.90
C LYS B 379 14.00 -29.75 31.77
N LYS B 380 14.36 -30.94 31.30
CA LYS B 380 15.38 -31.08 30.28
C LYS B 380 14.77 -31.13 28.88
N PHE B 381 15.53 -30.62 27.92
CA PHE B 381 15.23 -30.72 26.50
C PHE B 381 16.26 -31.64 25.87
N GLU B 382 15.81 -32.59 25.06
CA GLU B 382 16.75 -33.40 24.30
C GLU B 382 16.01 -33.99 23.11
N GLU B 383 16.46 -33.65 21.90
CA GLU B 383 15.81 -34.12 20.68
C GLU B 383 16.82 -34.11 19.54
N GLU B 384 16.63 -35.01 18.57
CA GLU B 384 17.47 -35.09 17.38
C GLU B 384 16.94 -34.19 16.28
N PHE B 385 17.86 -33.53 15.55
CA PHE B 385 17.53 -32.71 14.40
C PHE B 385 18.57 -32.93 13.32
N GLU B 386 18.16 -32.77 12.05
CA GLU B 386 19.13 -32.88 10.96
C GLU B 386 19.92 -31.58 10.78
N THR B 387 19.31 -30.43 11.07
CA THR B 387 19.96 -29.11 10.91
C THR B 387 19.61 -28.23 12.12
N VAL B 388 20.59 -27.46 12.60
CA VAL B 388 20.40 -26.53 13.71
C VAL B 388 20.84 -25.14 13.24
N ILE B 389 19.93 -24.16 13.31
CA ILE B 389 20.17 -22.81 12.79
C ILE B 389 20.17 -21.84 13.97
N PHE B 390 21.27 -21.09 14.13
CA PHE B 390 21.33 -20.07 15.18
C PHE B 390 20.92 -18.70 14.62
N ALA B 391 19.89 -18.10 15.22
CA ALA B 391 19.48 -16.73 14.92
C ALA B 391 19.31 -15.99 16.26
N VAL B 392 20.44 -15.71 16.92
CA VAL B 392 20.45 -15.13 18.26
C VAL B 392 21.11 -13.75 18.25
N GLY B 393 20.93 -13.01 17.16
CA GLY B 393 21.43 -11.65 17.10
C GLY B 393 22.64 -11.52 16.19
N ARG B 394 23.02 -10.26 15.95
CA ARG B 394 24.11 -9.93 15.03
C ARG B 394 24.99 -8.86 15.69
N GLU B 395 26.27 -8.83 15.32
CA GLU B 395 27.17 -7.92 16.00
C GLU B 395 28.24 -7.44 15.04
N PRO B 396 28.80 -6.25 15.26
CA PRO B 396 29.91 -5.78 14.43
C PRO B 396 31.22 -6.34 14.98
N GLN B 397 32.29 -6.16 14.21
CA GLN B 397 33.60 -6.60 14.67
C GLN B 397 34.62 -5.48 14.40
N LEU B 398 34.36 -4.32 15.00
CA LEU B 398 35.14 -3.13 14.63
C LEU B 398 36.57 -3.21 15.15
N SER B 399 36.83 -4.04 16.16
CA SER B 399 38.19 -4.42 16.55
C SER B 399 39.07 -4.69 15.35
N LYS B 400 38.54 -5.41 14.36
CA LYS B 400 39.28 -5.74 13.16
C LYS B 400 39.39 -4.56 12.20
N VAL B 401 38.44 -3.64 12.24
CA VAL B 401 38.33 -2.59 11.24
C VAL B 401 39.09 -1.33 11.64
N LEU B 402 39.22 -1.08 12.94
CA LEU B 402 39.52 0.23 13.49
C LEU B 402 40.61 0.09 14.54
N CYS B 403 41.78 0.66 14.29
CA CYS B 403 42.79 0.70 15.34
C CYS B 403 42.30 1.60 16.48
N GLU B 404 42.41 1.09 17.71
CA GLU B 404 42.00 1.84 18.90
C GLU B 404 42.66 3.21 18.98
N THR B 405 43.88 3.35 18.48
CA THR B 405 44.61 4.61 18.62
C THR B 405 44.05 5.73 17.75
N VAL B 406 43.22 5.41 16.75
CA VAL B 406 42.69 6.47 15.88
C VAL B 406 41.83 7.44 16.69
N GLY B 407 41.09 6.93 17.67
CA GLY B 407 40.24 7.77 18.49
C GLY B 407 38.75 7.75 18.17
N VAL B 408 38.28 6.79 17.39
CA VAL B 408 36.86 6.69 17.09
C VAL B 408 36.16 6.00 18.26
N LYS B 409 35.22 6.71 18.89
CA LYS B 409 34.56 6.20 20.09
C LYS B 409 33.44 5.20 19.75
N LEU B 410 33.42 4.08 20.49
CA LEU B 410 32.41 3.03 20.39
C LEU B 410 31.54 3.00 21.65
N ASP B 411 30.35 2.41 21.53
CA ASP B 411 29.48 2.30 22.69
C ASP B 411 29.70 0.93 23.34
N LYS B 412 28.87 0.59 24.33
CA LYS B 412 29.10 -0.64 25.09
C LYS B 412 28.82 -1.89 24.27
N ASN B 413 28.10 -1.77 23.15
CA ASN B 413 27.87 -2.88 22.24
C ASN B 413 28.86 -2.93 21.07
N GLY B 414 29.84 -2.04 21.05
CA GLY B 414 30.79 -2.01 19.95
C GLY B 414 30.34 -1.28 18.70
N ARG B 415 29.24 -0.51 18.75
CA ARG B 415 28.78 0.30 17.63
C ARG B 415 29.33 1.73 17.72
N VAL B 416 29.40 2.41 16.58
CA VAL B 416 30.07 3.72 16.50
C VAL B 416 29.14 4.83 17.00
N VAL B 417 29.67 5.69 17.87
CA VAL B 417 28.91 6.80 18.42
C VAL B 417 29.00 7.98 17.46
N CYS B 418 27.88 8.39 16.88
CA CYS B 418 27.86 9.43 15.84
C CYS B 418 26.93 10.58 16.22
N THR B 419 27.20 11.76 15.65
CA THR B 419 26.27 12.87 15.77
C THR B 419 25.23 12.75 14.66
N ASP B 420 24.33 13.73 14.57
CA ASP B 420 23.18 13.57 13.68
C ASP B 420 23.53 13.72 12.21
N ASP B 421 24.81 13.96 11.89
CA ASP B 421 25.32 14.03 10.53
C ASP B 421 26.24 12.87 10.19
N GLU B 422 26.17 11.78 10.97
CA GLU B 422 26.97 10.57 10.84
C GLU B 422 28.46 10.79 11.17
N GLN B 423 28.87 11.95 11.68
CA GLN B 423 30.29 12.17 12.00
C GLN B 423 30.69 11.44 13.29
N THR B 424 31.86 10.80 13.28
CA THR B 424 32.40 10.15 14.48
C THR B 424 33.09 11.17 15.39
N THR B 425 33.77 10.69 16.44
CA THR B 425 34.63 11.55 17.26
C THR B 425 35.92 11.98 16.53
N VAL B 426 36.20 11.45 15.34
CA VAL B 426 37.30 11.92 14.48
C VAL B 426 36.67 12.61 13.27
N SER B 427 37.03 13.89 13.04
CA SER B 427 36.18 14.82 12.27
C SER B 427 36.02 14.43 10.80
N ASN B 428 37.01 13.75 10.21
CA ASN B 428 36.96 13.36 8.80
C ASN B 428 36.41 11.95 8.59
N VAL B 429 36.06 11.25 9.67
CA VAL B 429 35.63 9.85 9.63
C VAL B 429 34.14 9.80 9.98
N TYR B 430 33.36 9.08 9.17
CA TYR B 430 31.91 8.96 9.30
C TYR B 430 31.52 7.48 9.38
N ALA B 431 30.33 7.19 9.93
CA ALA B 431 29.84 5.81 9.98
C ALA B 431 28.38 5.76 9.57
N ILE B 432 28.01 4.75 8.74
CA ILE B 432 26.65 4.59 8.23
C ILE B 432 26.20 3.14 8.33
N GLY B 433 24.88 2.94 8.25
CA GLY B 433 24.36 1.57 8.27
C GLY B 433 24.30 0.93 9.65
N ASP B 434 24.36 -0.41 9.68
CA ASP B 434 24.09 -1.15 10.93
C ASP B 434 25.10 -0.86 12.04
N ILE B 435 26.29 -0.33 11.73
CA ILE B 435 27.26 -0.06 12.79
C ILE B 435 27.10 1.32 13.42
N ASN B 436 26.17 2.15 12.94
CA ASN B 436 25.90 3.46 13.53
C ASN B 436 24.98 3.27 14.73
N ALA B 437 25.50 3.50 15.94
CA ALA B 437 24.77 3.20 17.17
C ALA B 437 23.42 3.94 17.25
N GLY B 438 22.39 3.22 17.70
CA GLY B 438 21.09 3.79 17.92
C GLY B 438 20.13 3.82 16.73
N LYS B 439 20.60 3.49 15.51
CA LYS B 439 19.76 3.70 14.34
C LYS B 439 19.03 2.42 13.93
N PRO B 440 17.89 2.54 13.24
CA PRO B 440 17.21 1.35 12.71
C PRO B 440 18.13 0.63 11.74
N GLN B 441 18.21 -0.69 11.86
CA GLN B 441 19.16 -1.47 11.06
C GLN B 441 18.44 -2.08 9.85
N LEU B 442 18.25 -1.25 8.83
CA LEU B 442 17.46 -1.60 7.66
C LEU B 442 18.17 -1.11 6.41
N THR B 443 17.99 -1.84 5.30
CA THR B 443 18.70 -1.51 4.07
C THR B 443 18.35 -0.13 3.51
N PRO B 444 17.08 0.30 3.39
CA PRO B 444 16.82 1.66 2.87
C PRO B 444 17.32 2.77 3.79
N VAL B 445 17.47 2.50 5.09
CA VAL B 445 18.05 3.49 6.00
C VAL B 445 19.54 3.67 5.67
N ALA B 446 20.27 2.57 5.50
CA ALA B 446 21.67 2.67 5.12
C ALA B 446 21.84 3.43 3.80
N ILE B 447 20.97 3.16 2.82
CA ILE B 447 21.09 3.79 1.52
C ILE B 447 20.84 5.29 1.60
N GLN B 448 19.80 5.71 2.33
CA GLN B 448 19.52 7.14 2.46
C GLN B 448 20.62 7.85 3.24
N ALA B 449 21.09 7.25 4.34
CA ALA B 449 22.20 7.84 5.10
C ALA B 449 23.39 8.04 4.18
N GLY B 450 23.75 7.00 3.42
CA GLY B 450 24.92 7.10 2.56
C GLY B 450 24.77 8.14 1.48
N ARG B 451 23.64 8.14 0.75
CA ARG B 451 23.46 9.12 -0.32
C ARG B 451 23.44 10.53 0.25
N TYR B 452 22.69 10.76 1.32
CA TYR B 452 22.55 12.13 1.82
C TYR B 452 23.88 12.64 2.37
N LEU B 453 24.69 11.76 2.96
CA LEU B 453 25.96 12.19 3.54
C LEU B 453 26.94 12.61 2.43
N ALA B 454 27.01 11.82 1.35
CA ALA B 454 27.87 12.18 0.22
C ALA B 454 27.50 13.54 -0.37
N ARG B 455 26.20 13.85 -0.40
CA ARG B 455 25.78 15.16 -0.92
C ARG B 455 26.22 16.29 0.01
N ARG B 456 26.20 16.06 1.33
CA ARG B 456 26.68 17.11 2.24
C ARG B 456 28.19 17.28 2.12
N LEU B 457 28.95 16.18 1.99
CA LEU B 457 30.41 16.32 1.92
C LEU B 457 30.86 16.95 0.61
N PHE B 458 30.26 16.56 -0.51
CA PHE B 458 30.85 16.93 -1.79
C PHE B 458 29.97 17.85 -2.64
N ALA B 459 28.75 18.18 -2.22
CA ALA B 459 27.91 19.08 -3.00
C ALA B 459 27.27 20.18 -2.16
N GLY B 460 27.74 20.41 -0.94
CA GLY B 460 27.20 21.49 -0.12
C GLY B 460 25.78 21.31 0.38
N ALA B 461 25.17 20.14 0.18
CA ALA B 461 23.83 19.92 0.70
C ALA B 461 23.80 20.08 2.23
N THR B 462 22.62 20.39 2.78
CA THR B 462 22.45 20.47 4.21
C THR B 462 21.47 19.45 4.77
N GLU B 463 20.68 18.77 3.95
CA GLU B 463 19.62 17.91 4.45
C GLU B 463 20.19 16.70 5.19
N LEU B 464 19.62 16.41 6.37
CA LEU B 464 20.00 15.26 7.18
C LEU B 464 19.03 14.10 6.97
N THR B 465 19.47 12.89 7.31
CA THR B 465 18.58 11.73 7.28
C THR B 465 17.66 11.77 8.50
N ASP B 466 16.35 11.53 8.28
CA ASP B 466 15.36 11.48 9.34
C ASP B 466 15.14 10.01 9.70
N TYR B 467 15.56 9.61 10.91
CA TYR B 467 15.49 8.23 11.36
C TYR B 467 14.21 7.89 12.15
N SER B 468 13.25 8.81 12.21
CA SER B 468 12.06 8.63 13.03
C SER B 468 10.89 8.02 12.22
N ASN B 469 10.10 7.19 12.89
CA ASN B 469 8.92 6.54 12.29
C ASN B 469 9.25 5.80 10.98
N VAL B 470 10.35 5.04 11.00
CA VAL B 470 10.72 4.29 9.79
C VAL B 470 9.92 2.99 9.79
N ALA B 471 9.18 2.76 8.70
CA ALA B 471 8.30 1.60 8.62
C ALA B 471 9.09 0.30 8.43
N THR B 472 8.49 -0.81 8.88
CA THR B 472 9.12 -2.14 8.84
C THR B 472 8.11 -3.16 8.30
N THR B 473 8.61 -4.27 7.78
CA THR B 473 7.75 -5.43 7.55
C THR B 473 8.48 -6.72 7.89
N VAL B 474 7.82 -7.58 8.66
CA VAL B 474 8.34 -8.89 9.00
C VAL B 474 7.69 -9.89 8.03
N PHE B 475 8.49 -10.59 7.22
CA PHE B 475 7.96 -11.47 6.18
C PHE B 475 7.79 -12.93 6.66
N THR B 476 7.06 -13.07 7.77
CA THR B 476 6.53 -14.36 8.25
C THR B 476 5.39 -14.86 7.35
N PRO B 477 4.96 -16.13 7.50
CA PRO B 477 3.99 -16.70 6.53
C PRO B 477 2.73 -15.86 6.36
N LEU B 478 2.20 -15.31 7.46
CA LEU B 478 1.34 -14.14 7.41
C LEU B 478 2.17 -12.93 7.84
N GLU B 479 2.24 -11.92 6.97
CA GLU B 479 3.19 -10.81 7.10
C GLU B 479 2.70 -9.74 8.09
N TYR B 480 3.64 -9.00 8.67
CA TYR B 480 3.34 -7.98 9.68
C TYR B 480 4.06 -6.67 9.35
N GLY B 481 3.30 -5.65 8.94
CA GLY B 481 3.83 -4.32 8.70
C GLY B 481 3.51 -3.38 9.85
N ALA B 482 4.43 -2.44 10.11
CA ALA B 482 4.27 -1.47 11.20
C ALA B 482 4.94 -0.14 10.83
N CYS B 483 4.38 0.96 11.36
CA CYS B 483 5.02 2.28 11.27
C CYS B 483 4.70 3.07 12.53
N GLY B 484 5.73 3.44 13.29
CA GLY B 484 5.51 4.18 14.53
C GLY B 484 5.59 3.35 15.79
N LEU B 485 4.94 3.85 16.84
CA LEU B 485 5.03 3.25 18.17
C LEU B 485 4.17 2.00 18.32
N SER B 486 4.67 1.04 19.10
CA SER B 486 3.83 -0.02 19.61
C SER B 486 2.83 0.54 20.62
N GLU B 487 1.76 -0.20 20.84
CA GLU B 487 0.73 0.25 21.77
C GLU B 487 1.32 0.43 23.17
N GLU B 488 2.19 -0.50 23.59
CA GLU B 488 2.72 -0.42 24.95
C GLU B 488 3.73 0.71 25.12
N ASP B 489 4.53 1.03 24.09
CA ASP B 489 5.39 2.22 24.21
C ASP B 489 4.58 3.51 24.24
N ALA B 490 3.47 3.59 23.48
CA ALA B 490 2.65 4.80 23.51
C ALA B 490 2.03 5.01 24.89
N ILE B 491 1.53 3.93 25.49
CA ILE B 491 0.92 4.00 26.81
C ILE B 491 1.97 4.38 27.86
N GLU B 492 3.17 3.83 27.74
CA GLU B 492 4.24 4.19 28.67
C GLU B 492 4.65 5.66 28.49
N LYS B 493 4.66 6.16 27.26
CA LYS B 493 5.11 7.53 27.04
C LYS B 493 4.07 8.59 27.42
N TYR B 494 2.78 8.31 27.24
CA TYR B 494 1.75 9.33 27.38
C TYR B 494 0.69 9.03 28.43
N GLY B 495 0.59 7.80 28.90
CA GLY B 495 -0.44 7.44 29.85
C GLY B 495 -1.67 6.85 29.20
N ASP B 496 -2.23 5.80 29.84
CA ASP B 496 -3.37 5.07 29.27
C ASP B 496 -4.55 5.99 28.96
N LYS B 497 -4.77 7.03 29.77
CA LYS B 497 -5.94 7.88 29.56
C LYS B 497 -5.82 8.75 28.32
N ASP B 498 -4.61 8.99 27.82
CA ASP B 498 -4.39 9.82 26.64
C ASP B 498 -4.25 9.01 25.35
N ILE B 499 -4.45 7.68 25.40
CA ILE B 499 -4.24 6.82 24.24
C ILE B 499 -5.59 6.19 23.86
N GLU B 500 -5.93 6.26 22.57
CA GLU B 500 -7.12 5.60 22.04
C GLU B 500 -6.68 4.68 20.91
N VAL B 501 -7.21 3.46 20.87
CA VAL B 501 -6.84 2.43 19.90
C VAL B 501 -8.08 1.98 19.12
N TYR B 502 -8.04 2.16 17.80
CA TYR B 502 -9.08 1.68 16.89
C TYR B 502 -8.57 0.42 16.20
N HIS B 503 -9.43 -0.61 16.10
CA HIS B 503 -8.94 -1.89 15.59
C HIS B 503 -10.08 -2.66 14.91
N SER B 504 -9.69 -3.60 14.05
CA SER B 504 -10.63 -4.46 13.35
C SER B 504 -9.89 -5.68 12.78
N ASN B 505 -10.55 -6.84 12.85
CA ASN B 505 -10.17 -7.97 12.00
C ASN B 505 -10.60 -7.68 10.55
N PHE B 506 -10.07 -8.48 9.61
CA PHE B 506 -10.58 -8.45 8.23
C PHE B 506 -10.29 -9.80 7.56
N LYS B 507 -10.92 -10.01 6.40
CA LYS B 507 -10.73 -11.24 5.62
C LYS B 507 -10.45 -10.81 4.18
N PRO B 508 -9.30 -11.19 3.61
CA PRO B 508 -9.03 -10.84 2.21
C PRO B 508 -10.04 -11.51 1.30
N LEU B 509 -10.51 -10.75 0.28
CA LEU B 509 -11.50 -11.33 -0.63
C LEU B 509 -10.96 -12.62 -1.27
N GLU B 510 -9.65 -12.68 -1.53
CA GLU B 510 -9.03 -13.88 -2.11
C GLU B 510 -9.17 -15.10 -1.20
N TRP B 511 -9.41 -14.91 0.09
CA TRP B 511 -9.51 -16.02 1.04
C TRP B 511 -10.92 -16.61 1.13
N THR B 512 -11.94 -15.97 0.52
CA THR B 512 -13.30 -16.47 0.67
C THR B 512 -13.52 -17.77 -0.11
N VAL B 513 -13.31 -17.72 -1.43
CA VAL B 513 -13.47 -18.91 -2.26
C VAL B 513 -12.43 -19.97 -1.89
N ALA B 514 -11.28 -19.56 -1.34
CA ALA B 514 -10.25 -20.52 -0.92
C ALA B 514 -10.48 -21.15 0.47
N HIS B 515 -11.53 -20.74 1.18
CA HIS B 515 -11.92 -21.33 2.47
C HIS B 515 -10.83 -21.16 3.53
N ARG B 516 -10.24 -19.96 3.60
CA ARG B 516 -9.26 -19.69 4.63
C ARG B 516 -9.94 -18.96 5.80
N GLU B 517 -9.14 -18.58 6.80
CA GLU B 517 -9.65 -18.14 8.10
C GLU B 517 -10.40 -16.79 8.06
N ASP B 518 -11.49 -16.71 8.84
CA ASP B 518 -12.35 -15.51 8.89
C ASP B 518 -11.75 -14.35 9.69
N ASN B 519 -11.08 -14.62 10.81
CA ASN B 519 -10.73 -13.57 11.75
C ASN B 519 -9.31 -13.76 12.29
N VAL B 520 -8.33 -13.85 11.39
CA VAL B 520 -6.92 -13.87 11.78
C VAL B 520 -6.20 -12.60 11.32
N CYS B 521 -6.52 -12.09 10.13
CA CYS B 521 -5.94 -10.82 9.71
C CYS B 521 -6.47 -9.70 10.61
N TYR B 522 -5.61 -8.73 10.94
CA TYR B 522 -5.89 -7.78 12.02
C TYR B 522 -5.14 -6.49 11.79
N MET B 523 -5.75 -5.36 12.16
CA MET B 523 -5.09 -4.06 12.07
C MET B 523 -5.55 -3.12 13.17
N LYS B 524 -4.71 -2.13 13.46
CA LYS B 524 -5.02 -1.18 14.52
C LYS B 524 -4.27 0.13 14.32
N LEU B 525 -4.85 1.21 14.85
CA LEU B 525 -4.23 2.53 14.88
C LEU B 525 -4.17 2.98 16.33
N VAL B 526 -2.96 3.28 16.80
CA VAL B 526 -2.70 3.78 18.15
C VAL B 526 -2.62 5.31 18.07
N CYS B 527 -3.52 6.00 18.79
CA CYS B 527 -3.72 7.44 18.63
C CYS B 527 -3.60 8.19 19.95
N ARG B 528 -3.19 9.46 19.89
CA ARG B 528 -3.06 10.31 21.07
C ARG B 528 -4.23 11.29 21.14
N LYS B 529 -5.07 11.13 22.16
CA LYS B 529 -6.30 11.92 22.30
C LYS B 529 -6.01 13.42 22.34
N SER B 530 -5.11 13.84 23.23
CA SER B 530 -4.93 15.27 23.46
C SER B 530 -4.23 15.98 22.32
N ASP B 531 -3.76 15.26 21.29
CA ASP B 531 -3.11 15.89 20.14
C ASP B 531 -3.93 15.65 18.87
N ASN B 532 -5.23 15.98 18.91
CA ASN B 532 -6.11 15.89 17.73
C ASN B 532 -6.22 14.46 17.20
N MET B 533 -6.11 13.47 18.10
CA MET B 533 -6.12 12.05 17.70
C MET B 533 -5.03 11.77 16.66
N ARG B 534 -3.83 12.32 16.90
CA ARG B 534 -2.64 11.98 16.10
C ARG B 534 -2.40 10.48 16.06
N VAL B 535 -2.10 9.94 14.88
CA VAL B 535 -1.71 8.53 14.75
C VAL B 535 -0.26 8.38 15.21
N LEU B 536 -0.05 7.67 16.32
CA LEU B 536 1.29 7.40 16.83
C LEU B 536 1.89 6.12 16.26
N GLY B 537 1.05 5.13 15.96
CA GLY B 537 1.50 3.88 15.38
C GLY B 537 0.44 3.17 14.57
N LEU B 538 0.85 2.53 13.48
CA LEU B 538 -0.01 1.77 12.59
C LEU B 538 0.52 0.34 12.51
N HIS B 539 -0.39 -0.65 12.56
CA HIS B 539 -0.04 -2.07 12.61
C HIS B 539 -0.99 -2.88 11.75
N VAL B 540 -0.45 -3.77 10.90
CA VAL B 540 -1.29 -4.64 10.07
C VAL B 540 -0.68 -6.04 9.95
N LEU B 541 -1.51 -7.06 10.20
CA LEU B 541 -1.17 -8.46 9.97
C LEU B 541 -2.03 -8.97 8.82
N GLY B 542 -1.40 -9.35 7.70
CA GLY B 542 -2.13 -9.85 6.55
C GLY B 542 -1.26 -9.99 5.32
N PRO B 543 -1.83 -10.42 4.19
CA PRO B 543 -1.02 -10.60 2.98
C PRO B 543 -0.58 -9.27 2.39
N ASN B 544 0.61 -9.25 1.79
CA ASN B 544 1.15 -8.05 1.14
C ASN B 544 1.29 -6.87 2.13
N ALA B 545 1.65 -7.17 3.38
CA ALA B 545 1.64 -6.13 4.42
C ALA B 545 2.62 -5.00 4.14
N GLY B 546 3.74 -5.30 3.47
CA GLY B 546 4.68 -4.24 3.13
C GLY B 546 4.12 -3.30 2.06
N GLU B 547 3.41 -3.85 1.07
CA GLU B 547 2.71 -2.98 0.11
C GLU B 547 1.63 -2.16 0.80
N ILE B 548 0.90 -2.73 1.76
CA ILE B 548 -0.15 -2.00 2.46
C ILE B 548 0.45 -0.82 3.24
N THR B 549 1.55 -1.08 3.96
CA THR B 549 2.06 -0.14 4.97
C THR B 549 2.78 1.05 4.33
N GLN B 550 3.45 0.86 3.18
CA GLN B 550 4.43 1.84 2.70
C GLN B 550 3.83 3.24 2.56
N GLY B 551 2.71 3.36 1.84
CA GLY B 551 2.17 4.69 1.57
C GLY B 551 1.69 5.42 2.82
N TYR B 552 1.19 4.68 3.81
CA TYR B 552 0.81 5.33 5.05
C TYR B 552 2.00 5.93 5.79
N ALA B 553 3.22 5.42 5.53
CA ALA B 553 4.40 6.02 6.18
C ALA B 553 4.59 7.48 5.77
N VAL B 554 4.25 7.83 4.53
CA VAL B 554 4.31 9.25 4.12
C VAL B 554 3.33 10.08 4.95
N ALA B 555 2.08 9.60 5.09
CA ALA B 555 1.05 10.32 5.83
C ALA B 555 1.42 10.49 7.32
N ILE B 556 1.99 9.45 7.94
CA ILE B 556 2.43 9.54 9.33
C ILE B 556 3.59 10.53 9.48
N LYS B 557 4.52 10.57 8.52
CA LYS B 557 5.61 11.56 8.58
C LYS B 557 5.05 12.99 8.54
N MET B 558 3.97 13.21 7.79
CA MET B 558 3.31 14.51 7.71
C MET B 558 2.36 14.80 8.87
N GLY B 559 2.26 13.91 9.85
CA GLY B 559 1.43 14.13 11.02
C GLY B 559 -0.04 13.76 10.91
N ALA B 560 -0.35 12.66 10.22
CA ALA B 560 -1.74 12.22 10.06
C ALA B 560 -2.44 12.08 11.40
N THR B 561 -3.72 12.44 11.40
CA THR B 561 -4.65 12.20 12.49
C THR B 561 -5.69 11.16 12.06
N LYS B 562 -6.47 10.67 13.03
CA LYS B 562 -7.58 9.77 12.71
C LYS B 562 -8.55 10.42 11.73
N ALA B 563 -8.78 11.72 11.87
CA ALA B 563 -9.68 12.43 10.95
C ALA B 563 -9.15 12.40 9.53
N ASP B 564 -7.82 12.38 9.34
CA ASP B 564 -7.28 12.28 7.99
C ASP B 564 -7.58 10.91 7.37
N PHE B 565 -7.54 9.85 8.17
CA PHE B 565 -7.91 8.51 7.68
C PHE B 565 -9.40 8.42 7.35
N ASP B 566 -10.24 9.04 8.19
CA ASP B 566 -11.69 8.96 8.00
C ASP B 566 -12.14 9.70 6.74
N ARG B 567 -11.57 10.87 6.48
CA ARG B 567 -12.00 11.66 5.33
C ARG B 567 -11.48 11.09 4.01
N THR B 568 -10.45 10.24 4.03
CA THR B 568 -9.97 9.57 2.82
C THR B 568 -10.90 8.40 2.48
N ILE B 569 -11.19 8.22 1.15
CA ILE B 569 -12.09 7.15 0.67
C ILE B 569 -11.30 5.88 0.32
N GLY B 570 -11.88 4.72 0.62
CA GLY B 570 -11.19 3.47 0.34
C GLY B 570 -11.18 3.09 -1.14
N ILE B 571 -10.24 2.21 -1.51
CA ILE B 571 -10.25 1.50 -2.81
C ILE B 571 -10.81 0.11 -2.59
N HIS B 572 -11.83 -0.28 -3.38
CA HIS B 572 -12.54 -1.55 -3.18
C HIS B 572 -12.42 -2.42 -4.43
N PRO B 573 -12.17 -3.74 -4.30
CA PRO B 573 -11.92 -4.49 -3.06
C PRO B 573 -10.43 -4.63 -2.74
N THR B 574 -9.98 -4.13 -1.58
CA THR B 574 -8.60 -4.32 -1.09
C THR B 574 -8.62 -4.66 0.40
N CYS B 575 -7.47 -5.15 0.89
CA CYS B 575 -7.26 -5.23 2.33
C CYS B 575 -7.00 -3.86 2.92
N SER B 576 -6.20 -3.03 2.24
CA SER B 576 -5.76 -1.75 2.80
C SER B 576 -6.93 -0.81 3.11
N GLU B 577 -8.05 -0.92 2.37
CA GLU B 577 -9.15 0.02 2.59
C GLU B 577 -9.74 -0.08 3.99
N THR B 578 -9.52 -1.19 4.69
CA THR B 578 -10.05 -1.31 6.04
C THR B 578 -9.55 -0.20 6.96
N PHE B 579 -8.37 0.36 6.69
CA PHE B 579 -7.85 1.48 7.49
C PHE B 579 -8.69 2.75 7.34
N THR B 580 -9.51 2.88 6.29
CA THR B 580 -10.23 4.14 6.06
C THR B 580 -11.59 4.18 6.75
N THR B 581 -12.04 3.08 7.40
CA THR B 581 -13.35 3.03 8.05
C THR B 581 -13.29 2.45 9.46
N LEU B 582 -12.14 2.51 10.11
CA LEU B 582 -11.99 1.93 11.44
C LEU B 582 -12.83 2.71 12.44
N HIS B 583 -13.56 2.02 13.30
CA HIS B 583 -14.43 2.72 14.25
C HIS B 583 -14.53 2.08 15.63
N VAL B 584 -14.24 0.80 15.80
CA VAL B 584 -14.31 0.16 17.11
C VAL B 584 -13.07 0.51 17.92
N THR B 585 -13.28 1.09 19.12
CA THR B 585 -12.21 1.38 20.07
C THR B 585 -12.00 0.19 21.02
N LYS B 586 -10.76 0.03 21.47
CA LYS B 586 -10.50 -0.98 22.48
C LYS B 586 -11.25 -0.66 23.78
N LYS B 587 -11.34 0.62 24.13
CA LYS B 587 -11.99 1.00 25.40
C LYS B 587 -13.46 0.61 25.42
N SER B 588 -14.15 0.64 24.27
CA SER B 588 -15.57 0.31 24.25
C SER B 588 -15.82 -1.16 24.57
N GLY B 589 -14.84 -2.03 24.36
CA GLY B 589 -14.99 -3.45 24.59
C GLY B 589 -15.74 -4.21 23.52
N VAL B 590 -16.20 -3.55 22.45
CA VAL B 590 -16.92 -4.22 21.37
C VAL B 590 -15.95 -5.08 20.56
N SER B 591 -16.41 -6.27 20.18
CA SER B 591 -15.55 -7.23 19.48
C SER B 591 -15.07 -6.66 18.15
N PRO B 592 -13.81 -6.89 17.79
CA PRO B 592 -13.31 -6.46 16.47
C PRO B 592 -13.58 -7.42 15.33
N ILE B 593 -14.28 -8.53 15.54
CA ILE B 593 -14.43 -9.50 14.44
C ILE B 593 -15.34 -8.94 13.36
N VAL B 594 -15.21 -9.51 12.16
CA VAL B 594 -15.85 -8.98 10.96
C VAL B 594 -17.34 -9.26 10.94
#